data_9JCQ
#
_entry.id   9JCQ
#
_cell.length_a   1.00
_cell.length_b   1.00
_cell.length_c   1.00
_cell.angle_alpha   90.00
_cell.angle_beta   90.00
_cell.angle_gamma   90.00
#
_symmetry.space_group_name_H-M   'P 1'
#
loop_
_entity.id
_entity.type
_entity.pdbx_description
1 polymer 'Guanine nucleotide-binding protein G(s) subunit alpha'
2 polymer 'Guanine nucleotide-binding protein G(I)/G(S)/G(T) subunit beta-1'
3 polymer 'Guanine nucleotide-binding protein G(I)/G(S)/G(O) subunit gamma-2'
4 polymer 'Nanobody 35'
5 polymer 'G-protein coupled receptor 4'
6 non-polymer 2-[[(2~{R})-3-acetyloxy-2-oxidanyl-propoxy]-oxidanyl-phosphoryl]oxyethyl-trimethyl-azanium
7 non-polymer CHOLESTEROL
8 water water
#
loop_
_entity_poly.entity_id
_entity_poly.type
_entity_poly.pdbx_seq_one_letter_code
_entity_poly.pdbx_strand_id
1 'polypeptide(L)'
;MGCTLSAEDKAAVERSKMIEKQLQKDKQVYRATHRLLLLGADNSGKSTIVKQMRIYHVNGYSEEECKQYKAVVYSNTIQS
IIAIIRAMGRLKIDFGDSARADDARQLFVLAGAAEEGFMTAELAGVIKRLWKDSGVQACFNRSREYQLNDSAAYYLNDLD
RIAQPNYIPTQQDVLRTRVKTSGIFETKFQVDKVNFHMFDVGAQRDERRKWIQCFNDVTAIIFVVDSSDYNRLQEALNDF
KSIWNNRWLRTISVILFLNKQDLLAEKVLAGKSKIEDYFPEFARYTTPEDATPEPGEDPRVTRAKYFIRDEFLRISTASG
DGRHYCYPHFTCSVDTENARRIFNDCRDIIQRMHLRQYELL
;
A
2 'polypeptide(L)'
;MGSLLQSELDQLRQEAEQLKNQIRDARKACADATLSQITNNIDPVGRIQMRTRRTLRGHLAKIYAMHWGTDSRLLVSASQ
DGKLIIWDSYTTNKVHAIPLRSSWVMTCAYAPSGNYVACGGLDNICSIYNLKTREGNVRVSRELAGHTGYLSCCRFLDDN
QIVTSSGDTTCALWDIETGQQTTTFTGHTGDVMSLSLAPDTRLFVSGACDASAKLWDVREGMCRQTFTGHESDINAICFF
PNGNAFATGSDDATCRLFDLRADQELMTYSHDNIICGITSVSFSKSGRLLLAGYDDFNCNVWDALKADRAGVLAGHDNRV
SCLGVTDDGMAVATGSWDSFLKIWNGSSGGGGSGGGGSSGVFTLEDFVGDWEQTAAYNLDQVLEQGGVSSLLQNLAVSVT
PIQRIVRSGENALKIDIHVIIPYEGLSADQMAQIEEVFKVVYPVDDHHFKVILPYGTLVIDGVTPNMLNYFGRPYEGIAV
FDGKKITVTGTLWNGNKIIDERLITPDGSMLFRVTINS
;
B
3 'polypeptide(L)' ASNNTASIAQARKLVEQLKMEANIDRIKVSKAAADLMAYCEAHAKEDPLLTPVPASENPFREKKFFCAIL G
4 'polypeptide(L)'
;QVQLQESGGGLVQPGGSLRLSCAASGFTFSNYKMNWVRQAPGKGLEWVSDISQSGASISYTGSVKGRFTISRDNAKNTLY
LQMNSLKPEDTAVYYCARCPAPFTRDCFDVTSTTYAYRGQGTQVTVSS
;
N
5 'polypeptide(L)'
;MGNHTWEGCHVDSRVDHLFPPSLYIFVIGVGLPTNCLALWAAYRQVQQRNELGVYLMNLSIADLLYICTLPLWVDYFLHH
DNWIHGPGSCKLFGFIFYTNIYISIAFLCCISVDRYLAVAHPLRFARLRRVKTAVAVSSVVWATELGANSAPLFHDELFR
DRYNHTFCFEKFPMEGWVAWMNLYRVFVGFLFPWALMLLSYRGILRAVRGSVSTERQEKAKIKRLALSLIAIVLVCFAPY
HVLLLSRSAIYLGRPWDCGFEERVFSAYHSSLAFTSLNCVADPILYCLVNEGARSDVAKALHNLLRFLASDKPQEMANAS
LTLETPLTSKRNSTAKAMTGSWAATPPSQGDQVQLKMLPPAQ
;
D
#
loop_
_chem_comp.id
_chem_comp.type
_chem_comp.name
_chem_comp.formula
A1L35 non-polymer 2-[[(2~{R})-3-acetyloxy-2-oxidanyl-propoxy]-oxidanyl-phosphoryl]oxyethyl-trimethyl-azanium 'C10 H23 N O7 P 1'
CLR non-polymer CHOLESTEROL 'C27 H46 O'
#
# COMPACT_ATOMS: atom_id res chain seq x y z
N SER A 6 -7.71 -26.37 -32.64
CA SER A 6 -7.66 -26.07 -31.18
C SER A 6 -6.33 -26.51 -30.57
N ALA A 7 -5.48 -27.13 -31.39
CA ALA A 7 -4.18 -27.59 -30.90
C ALA A 7 -3.33 -26.43 -30.42
N GLU A 8 -3.30 -25.35 -31.20
CA GLU A 8 -2.54 -24.16 -30.77
C GLU A 8 -3.14 -23.58 -29.50
N ASP A 9 -4.46 -23.49 -29.43
CA ASP A 9 -5.11 -22.99 -28.22
C ASP A 9 -4.79 -23.88 -27.03
N LYS A 10 -4.87 -25.19 -27.21
CA LYS A 10 -4.59 -26.10 -26.10
C LYS A 10 -3.15 -25.95 -25.63
N ALA A 11 -2.21 -25.81 -26.56
CA ALA A 11 -0.82 -25.58 -26.18
C ALA A 11 -0.68 -24.27 -25.42
N ALA A 12 -1.41 -23.23 -25.84
CA ALA A 12 -1.35 -21.95 -25.13
C ALA A 12 -1.85 -22.09 -23.70
N VAL A 13 -2.97 -22.79 -23.51
CA VAL A 13 -3.49 -22.96 -22.14
C VAL A 13 -2.53 -23.82 -21.32
N GLU A 14 -1.92 -24.82 -21.93
CA GLU A 14 -0.95 -25.65 -21.21
C GLU A 14 0.23 -24.81 -20.75
N ARG A 15 0.76 -23.97 -21.64
CA ARG A 15 1.87 -23.09 -21.28
C ARG A 15 1.46 -22.13 -20.16
N SER A 16 0.25 -21.59 -20.25
CA SER A 16 -0.25 -20.72 -19.19
C SER A 16 -0.32 -21.47 -17.86
N LYS A 17 -0.73 -22.74 -17.90
CA LYS A 17 -0.80 -23.52 -16.67
C LYS A 17 0.59 -23.76 -16.08
N MET A 18 1.58 -24.06 -16.92
CA MET A 18 2.94 -24.21 -16.41
C MET A 18 3.43 -22.91 -15.79
N ILE A 19 3.17 -21.79 -16.46
CA ILE A 19 3.60 -20.49 -15.92
C ILE A 19 2.89 -20.21 -14.61
N GLU A 20 1.61 -20.60 -14.50
CA GLU A 20 0.88 -20.41 -13.26
C GLU A 20 1.47 -21.25 -12.13
N LYS A 21 1.86 -22.48 -12.44
CA LYS A 21 2.50 -23.33 -11.42
C LYS A 21 3.83 -22.72 -10.97
N GLN A 22 4.63 -22.23 -11.91
CA GLN A 22 5.89 -21.60 -11.54
C GLN A 22 5.65 -20.34 -10.71
N LEU A 23 4.64 -19.56 -11.07
CA LEU A 23 4.30 -18.37 -10.30
C LEU A 23 3.78 -18.72 -8.91
N GLN A 24 3.09 -19.85 -8.77
CA GLN A 24 2.68 -20.31 -7.45
C GLN A 24 3.89 -20.69 -6.59
N LYS A 25 4.87 -21.36 -7.20
CA LYS A 25 6.12 -21.63 -6.49
C LYS A 25 6.79 -20.34 -6.05
N ASP A 26 6.86 -19.36 -6.96
CA ASP A 26 7.45 -18.07 -6.63
C ASP A 26 6.66 -17.36 -5.54
N LYS A 27 5.34 -17.52 -5.55
CA LYS A 27 4.48 -16.99 -4.50
C LYS A 27 4.81 -17.59 -3.14
N GLN A 28 4.94 -18.92 -3.08
CA GLN A 28 5.30 -19.56 -1.82
C GLN A 28 6.66 -19.08 -1.34
N VAL A 29 7.61 -18.94 -2.27
CA VAL A 29 8.93 -18.44 -1.90
C VAL A 29 8.84 -17.01 -1.38
N TYR A 30 8.05 -16.17 -2.08
CA TYR A 30 7.96 -14.75 -1.73
C TYR A 30 7.36 -14.55 -0.34
N ARG A 31 6.28 -15.27 -0.02
CA ARG A 31 5.72 -15.19 1.32
C ARG A 31 6.61 -15.85 2.37
N ALA A 32 7.66 -16.58 1.98
CA ALA A 32 8.54 -17.23 2.94
C ALA A 32 9.69 -16.34 3.38
N THR A 33 9.81 -15.14 2.82
CA THR A 33 10.90 -14.22 3.14
C THR A 33 10.35 -12.84 3.43
N HIS A 34 11.10 -12.08 4.25
CA HIS A 34 10.70 -10.75 4.68
C HIS A 34 11.70 -9.73 4.16
N ARG A 35 11.20 -8.57 3.77
CA ARG A 35 12.03 -7.51 3.19
C ARG A 35 12.22 -6.40 4.20
N LEU A 36 13.47 -5.94 4.34
CA LEU A 36 13.83 -4.86 5.25
C LEU A 36 14.63 -3.81 4.49
N LEU A 37 14.41 -2.55 4.83
CA LEU A 37 15.12 -1.44 4.20
C LEU A 37 16.08 -0.82 5.21
N LEU A 38 17.37 -0.81 4.89
CA LEU A 38 18.39 -0.24 5.76
C LEU A 38 18.69 1.19 5.31
N LEU A 39 18.59 2.14 6.24
CA LEU A 39 18.83 3.54 5.95
C LEU A 39 19.72 4.15 7.02
N GLY A 40 20.50 5.13 6.62
CA GLY A 40 21.38 5.82 7.55
C GLY A 40 22.12 6.93 6.83
N ALA A 41 22.80 7.75 7.63
CA ALA A 41 23.58 8.86 7.10
C ALA A 41 25.01 8.41 6.82
N ASP A 42 25.82 9.33 6.27
CA ASP A 42 27.22 8.99 6.00
C ASP A 42 27.97 8.68 7.30
N ASN A 43 27.71 9.45 8.35
CA ASN A 43 28.38 9.20 9.62
C ASN A 43 27.96 7.87 10.21
N SER A 44 26.68 7.52 10.09
CA SER A 44 26.19 6.26 10.65
C SER A 44 26.94 5.08 10.05
N GLY A 45 27.31 4.12 10.90
CA GLY A 45 28.07 2.96 10.46
C GLY A 45 27.19 1.84 9.94
N LYS A 46 26.30 2.15 9.00
CA LYS A 46 25.45 1.12 8.42
C LYS A 46 26.26 0.11 7.64
N SER A 47 27.35 0.55 7.00
CA SER A 47 28.22 -0.39 6.30
C SER A 47 28.83 -1.41 7.24
N THR A 48 29.27 -0.97 8.42
CA THR A 48 29.81 -1.89 9.41
C THR A 48 28.75 -2.89 9.85
N ILE A 49 27.52 -2.43 10.05
CA ILE A 49 26.44 -3.33 10.43
C ILE A 49 26.21 -4.36 9.33
N VAL A 50 26.23 -3.92 8.08
CA VAL A 50 26.04 -4.85 6.95
C VAL A 50 27.15 -5.89 6.94
N LYS A 51 28.40 -5.46 7.15
CA LYS A 51 29.50 -6.41 7.20
C LYS A 51 29.32 -7.41 8.34
N GLN A 52 29.00 -6.91 9.54
CA GLN A 52 28.87 -7.76 10.71
C GLN A 52 27.52 -8.45 10.79
N MET A 53 26.68 -8.31 9.77
CA MET A 53 25.48 -9.11 9.64
C MET A 53 25.53 -10.05 8.43
N ARG A 54 26.60 -10.01 7.65
CA ARG A 54 26.86 -11.06 6.66
C ARG A 54 27.60 -12.23 7.32
N ILE A 55 27.04 -12.66 8.44
CA ILE A 55 27.48 -13.85 9.17
C ILE A 55 26.27 -14.75 9.31
N TYR A 56 25.16 -14.36 8.68
CA TYR A 56 23.88 -15.05 8.81
C TYR A 56 23.52 -15.25 10.27
N LYS A 180 31.75 -1.00 -9.47
CA LYS A 180 30.58 -0.85 -10.33
C LYS A 180 29.50 -0.03 -9.63
N THR A 181 28.73 0.72 -10.41
CA THR A 181 27.61 1.51 -9.88
C THR A 181 26.39 0.59 -9.76
N SER A 182 26.46 -0.30 -8.76
CA SER A 182 25.38 -1.25 -8.56
C SER A 182 24.06 -0.55 -8.22
N GLY A 183 24.13 0.48 -7.40
CA GLY A 183 22.94 1.23 -7.00
C GLY A 183 22.26 0.71 -5.75
N ILE A 184 22.05 -0.61 -5.68
CA ILE A 184 21.42 -1.24 -4.53
C ILE A 184 22.14 -2.54 -4.23
N PHE A 185 22.40 -2.79 -2.95
CA PHE A 185 23.01 -4.03 -2.49
C PHE A 185 22.00 -4.82 -1.68
N GLU A 186 22.07 -6.15 -1.81
CA GLU A 186 21.14 -7.06 -1.16
C GLU A 186 21.91 -7.99 -0.23
N THR A 187 21.43 -8.10 1.01
CA THR A 187 21.99 -9.01 2.00
C THR A 187 20.94 -10.06 2.34
N LYS A 188 21.30 -11.33 2.17
CA LYS A 188 20.43 -12.45 2.51
C LYS A 188 20.94 -13.04 3.81
N PHE A 189 20.12 -13.00 4.86
CA PHE A 189 20.50 -13.65 6.11
C PHE A 189 19.32 -14.44 6.65
N GLN A 190 19.57 -15.20 7.71
CA GLN A 190 18.57 -16.12 8.25
C GLN A 190 18.66 -16.13 9.76
N VAL A 191 17.53 -15.93 10.42
CA VAL A 191 17.43 -15.98 11.88
C VAL A 191 16.27 -16.88 12.25
N ASP A 192 16.55 -17.90 13.06
CA ASP A 192 15.54 -18.88 13.46
C ASP A 192 14.87 -19.51 12.24
N LYS A 193 15.68 -19.82 11.23
CA LYS A 193 15.23 -20.42 9.98
C LYS A 193 14.25 -19.51 9.23
N VAL A 194 14.21 -18.23 9.58
CA VAL A 194 13.41 -17.24 8.87
C VAL A 194 14.34 -16.41 8.01
N ASN A 195 14.06 -16.36 6.71
CA ASN A 195 14.91 -15.63 5.78
C ASN A 195 14.58 -14.15 5.78
N PHE A 196 15.61 -13.32 5.67
CA PHE A 196 15.48 -11.88 5.68
C PHE A 196 16.31 -11.29 4.55
N HIS A 197 15.68 -10.39 3.79
CA HIS A 197 16.31 -9.66 2.70
C HIS A 197 16.49 -8.23 3.17
N MET A 198 17.72 -7.74 3.19
CA MET A 198 18.00 -6.35 3.50
C MET A 198 18.50 -5.67 2.24
N PHE A 199 17.98 -4.47 1.96
CA PHE A 199 18.38 -3.70 0.80
C PHE A 199 19.00 -2.39 1.24
N ASP A 200 20.22 -2.14 0.79
CA ASP A 200 20.96 -0.93 1.10
C ASP A 200 21.13 -0.10 -0.16
N VAL A 201 20.77 1.17 -0.09
CA VAL A 201 20.88 2.06 -1.25
C VAL A 201 22.34 2.42 -1.45
N GLY A 202 22.82 2.28 -2.68
CA GLY A 202 24.22 2.50 -2.99
C GLY A 202 24.48 3.70 -3.87
N ALA A 203 24.85 3.46 -5.13
CA ALA A 203 25.23 4.53 -6.06
C ALA A 203 23.96 5.25 -6.54
N GLN A 204 23.38 6.00 -5.61
CA GLN A 204 22.20 6.81 -5.89
C GLN A 204 22.42 8.22 -5.34
N ARG A 205 21.81 9.19 -6.02
CA ARG A 205 22.02 10.59 -5.64
C ARG A 205 21.39 10.88 -4.28
N ASP A 206 21.74 12.05 -3.73
CA ASP A 206 21.24 12.43 -2.42
C ASP A 206 19.72 12.45 -2.40
N GLU A 207 19.09 12.84 -3.52
CA GLU A 207 17.64 12.93 -3.56
C GLU A 207 17.02 11.58 -3.24
N ARG A 208 16.03 11.59 -2.34
CA ARG A 208 15.38 10.36 -1.91
C ARG A 208 13.87 10.49 -1.78
N ARG A 209 13.27 11.55 -2.31
CA ARG A 209 11.83 11.74 -2.15
C ARG A 209 11.01 10.87 -3.09
N LYS A 210 11.64 10.16 -4.02
CA LYS A 210 10.92 9.39 -5.02
C LYS A 210 11.15 7.90 -4.93
N TRP A 211 12.41 7.44 -4.93
CA TRP A 211 12.65 6.00 -4.91
C TRP A 211 12.28 5.36 -3.59
N ILE A 212 12.23 6.13 -2.50
CA ILE A 212 11.80 5.59 -1.22
C ILE A 212 10.40 5.01 -1.32
N GLN A 213 9.59 5.50 -2.26
CA GLN A 213 8.23 5.03 -2.45
C GLN A 213 8.19 3.59 -2.95
N CYS A 214 9.32 3.04 -3.39
CA CYS A 214 9.42 1.63 -3.73
C CYS A 214 9.46 0.74 -2.50
N PHE A 215 9.62 1.31 -1.31
CA PHE A 215 9.78 0.53 -0.09
C PHE A 215 8.56 0.73 0.80
N ASN A 216 7.38 0.72 0.19
CA ASN A 216 6.12 0.93 0.90
C ASN A 216 5.52 -0.37 1.44
N ASP A 217 6.02 -1.53 1.01
CA ASP A 217 5.53 -2.81 1.50
C ASP A 217 6.62 -3.62 2.21
N VAL A 218 7.76 -3.00 2.51
CA VAL A 218 8.80 -3.68 3.28
C VAL A 218 8.29 -3.94 4.69
N THR A 219 8.79 -5.02 5.29
CA THR A 219 8.37 -5.36 6.65
C THR A 219 8.79 -4.28 7.63
N ALA A 220 10.01 -3.77 7.51
CA ALA A 220 10.51 -2.79 8.46
C ALA A 220 11.64 -1.98 7.83
N ILE A 221 11.90 -0.82 8.43
CA ILE A 221 12.99 0.05 8.05
C ILE A 221 13.91 0.19 9.24
N ILE A 222 15.17 -0.21 9.06
CA ILE A 222 16.20 -0.10 10.09
C ILE A 222 16.95 1.19 9.85
N PHE A 223 16.72 2.18 10.73
CA PHE A 223 17.36 3.48 10.63
C PHE A 223 18.53 3.53 11.61
N VAL A 224 19.71 3.87 11.09
CA VAL A 224 20.94 3.93 11.87
C VAL A 224 21.35 5.39 12.01
N VAL A 225 21.57 5.83 13.24
CA VAL A 225 21.91 7.21 13.54
C VAL A 225 23.15 7.22 14.43
N ASP A 226 23.97 8.26 14.27
CA ASP A 226 25.19 8.43 15.06
C ASP A 226 24.88 9.35 16.23
N SER A 227 24.69 8.76 17.41
CA SER A 227 24.41 9.54 18.61
C SER A 227 25.64 10.24 19.15
N SER A 228 26.85 9.77 18.81
CA SER A 228 28.06 10.38 19.33
C SER A 228 28.22 11.81 18.83
N ASP A 229 27.92 12.04 17.56
CA ASP A 229 28.07 13.38 16.96
C ASP A 229 26.82 14.19 17.29
N TYR A 230 26.95 15.12 18.23
CA TYR A 230 25.84 16.01 18.53
C TYR A 230 25.50 16.88 17.32
N ASN A 231 26.51 17.39 16.65
CA ASN A 231 26.30 18.02 15.35
C ASN A 231 25.92 16.95 14.33
N ARG A 232 24.97 17.30 13.44
CA ARG A 232 24.35 16.42 12.47
C ARG A 232 23.31 15.52 13.12
N LEU A 233 23.18 15.52 14.45
CA LEU A 233 22.12 14.76 15.09
C LEU A 233 20.76 15.35 14.74
N GLN A 234 20.66 16.67 14.65
CA GLN A 234 19.43 17.30 14.19
C GLN A 234 19.10 16.90 12.76
N GLU A 235 20.12 16.70 11.93
CA GLU A 235 19.87 16.22 10.58
C GLU A 235 19.25 14.82 10.60
N ALA A 236 19.77 13.94 11.46
CA ALA A 236 19.18 12.61 11.60
C ALA A 236 17.75 12.69 12.13
N LEU A 237 17.51 13.60 13.07
CA LEU A 237 16.15 13.78 13.58
C LEU A 237 15.20 14.24 12.48
N ASN A 238 15.65 15.17 11.64
CA ASN A 238 14.82 15.64 10.53
C ASN A 238 14.57 14.53 9.51
N ASP A 239 15.59 13.71 9.24
CA ASP A 239 15.40 12.58 8.33
C ASP A 239 14.39 11.60 8.89
N PHE A 240 14.47 11.30 10.20
CA PHE A 240 13.49 10.43 10.83
C PHE A 240 12.10 11.04 10.77
N LYS A 241 12.01 12.36 10.98
CA LYS A 241 10.72 13.05 10.87
C LYS A 241 10.13 12.88 9.48
N SER A 242 10.95 13.09 8.45
CA SER A 242 10.46 12.95 7.08
C SER A 242 10.03 11.52 6.80
N ILE A 243 10.81 10.54 7.25
CA ILE A 243 10.46 9.14 7.02
C ILE A 243 9.13 8.82 7.70
N TRP A 244 8.97 9.25 8.95
CA TRP A 244 7.74 8.98 9.68
C TRP A 244 6.54 9.64 9.03
N ASN A 245 6.70 10.89 8.59
CA ASN A 245 5.59 11.65 8.02
C ASN A 245 5.32 11.29 6.56
N ASN A 246 6.18 10.51 5.92
CA ASN A 246 5.94 10.12 4.55
C ASN A 246 4.63 9.34 4.45
N ARG A 247 3.84 9.66 3.42
CA ARG A 247 2.52 9.02 3.30
C ARG A 247 2.66 7.51 3.13
N TRP A 248 3.60 7.07 2.31
CA TRP A 248 3.73 5.66 1.98
C TRP A 248 4.51 4.88 3.04
N LEU A 249 5.02 5.54 4.07
CA LEU A 249 5.71 4.89 5.17
C LEU A 249 4.92 4.93 6.47
N ARG A 250 3.63 5.25 6.41
CA ARG A 250 2.82 5.34 7.62
C ARG A 250 2.47 3.96 8.19
N THR A 251 2.51 2.91 7.37
CA THR A 251 2.13 1.57 7.80
C THR A 251 3.33 0.63 7.94
N ILE A 252 4.53 1.19 8.05
CA ILE A 252 5.76 0.40 8.17
C ILE A 252 6.48 0.83 9.43
N SER A 253 6.63 -0.09 10.37
CA SER A 253 7.37 0.21 11.59
C SER A 253 8.84 0.43 11.26
N VAL A 254 9.46 1.38 11.97
CA VAL A 254 10.84 1.75 11.76
C VAL A 254 11.65 1.26 12.95
N ILE A 255 12.69 0.48 12.67
CA ILE A 255 13.59 -0.02 13.71
C ILE A 255 14.70 1.01 13.87
N LEU A 256 14.84 1.55 15.08
CA LEU A 256 15.80 2.61 15.36
C LEU A 256 17.04 2.00 16.01
N PHE A 257 18.21 2.26 15.42
CA PHE A 257 19.49 1.75 15.90
C PHE A 257 20.36 2.95 16.25
N LEU A 258 20.44 3.27 17.54
CA LEU A 258 21.32 4.34 18.02
C LEU A 258 22.74 3.76 18.10
N ASN A 259 23.52 3.99 17.05
CA ASN A 259 24.81 3.35 16.90
C ASN A 259 25.93 4.21 17.51
N LYS A 260 27.12 3.61 17.59
CA LYS A 260 28.31 4.29 18.09
C LYS A 260 28.09 4.81 19.51
N GLN A 261 27.65 3.90 20.39
CA GLN A 261 27.43 4.26 21.79
C GLN A 261 28.74 4.41 22.55
N ASP A 262 29.76 3.63 22.21
CA ASP A 262 31.04 3.76 22.89
C ASP A 262 31.64 5.15 22.65
N LEU A 263 31.59 5.62 21.41
CA LEU A 263 32.11 6.95 21.11
C LEU A 263 31.34 8.02 21.89
N LEU A 264 30.02 7.87 21.97
CA LEU A 264 29.21 8.82 22.75
C LEU A 264 29.63 8.82 24.21
N ALA A 265 29.84 7.63 24.78
CA ALA A 265 30.25 7.54 26.19
C ALA A 265 31.61 8.19 26.39
N GLU A 266 32.56 7.92 25.50
CA GLU A 266 33.88 8.53 25.63
C GLU A 266 33.80 10.04 25.51
N LYS A 267 33.00 10.55 24.58
CA LYS A 267 32.86 11.99 24.42
C LYS A 267 32.24 12.62 25.66
N VAL A 268 31.21 11.97 26.22
CA VAL A 268 30.58 12.49 27.43
C VAL A 268 31.58 12.50 28.58
N LEU A 269 32.36 11.43 28.73
CA LEU A 269 33.35 11.39 29.80
C LEU A 269 34.40 12.47 29.63
N ALA A 270 34.85 12.70 28.39
CA ALA A 270 35.83 13.75 28.15
C ALA A 270 35.29 15.12 28.52
N GLY A 271 34.03 15.40 28.16
CA GLY A 271 33.41 16.67 28.47
C GLY A 271 33.77 17.81 27.55
N LYS A 272 34.56 17.57 26.50
CA LYS A 272 34.95 18.64 25.60
C LYS A 272 33.73 19.21 24.87
N SER A 273 32.83 18.34 24.44
CA SER A 273 31.62 18.74 23.73
C SER A 273 30.42 18.65 24.67
N LYS A 274 29.60 19.70 24.69
CA LYS A 274 28.45 19.79 25.58
C LYS A 274 27.17 19.74 24.75
N ILE A 275 26.21 18.92 25.20
CA ILE A 275 24.95 18.80 24.50
C ILE A 275 24.05 20.01 24.72
N GLU A 276 24.30 20.78 25.78
CA GLU A 276 23.45 21.93 26.07
C GLU A 276 23.48 22.95 24.93
N ASP A 277 24.67 23.22 24.38
CA ASP A 277 24.78 24.18 23.30
C ASP A 277 23.96 23.74 22.08
N TYR A 278 24.08 22.47 21.71
CA TYR A 278 23.31 21.97 20.58
C TYR A 278 21.84 21.78 20.94
N PHE A 279 21.57 21.27 22.14
CA PHE A 279 20.21 21.03 22.62
C PHE A 279 20.03 21.71 23.96
N PRO A 280 19.57 22.96 23.98
CA PRO A 280 19.39 23.66 25.27
C PRO A 280 18.34 22.99 26.16
N GLU A 281 17.47 22.16 25.61
CA GLU A 281 16.48 21.46 26.41
C GLU A 281 17.07 20.33 27.23
N PHE A 282 18.32 19.94 26.94
CA PHE A 282 18.96 18.84 27.67
C PHE A 282 19.26 19.21 29.12
N ALA A 283 19.37 20.50 29.43
CA ALA A 283 19.73 20.90 30.79
C ALA A 283 18.69 20.44 31.80
N ARG A 284 17.41 20.59 31.47
CA ARG A 284 16.33 20.22 32.38
C ARG A 284 16.02 18.73 32.36
N TYR A 285 16.60 17.98 31.42
CA TYR A 285 16.25 16.57 31.30
C TYR A 285 16.74 15.77 32.50
N THR A 286 15.93 14.79 32.91
CA THR A 286 16.28 13.86 33.97
C THR A 286 16.01 12.44 33.49
N THR A 287 16.85 11.51 33.94
CA THR A 287 16.71 10.13 33.52
C THR A 287 15.40 9.56 34.02
N PRO A 288 14.53 9.02 33.17
CA PRO A 288 13.26 8.50 33.65
C PRO A 288 13.43 7.16 34.36
N GLU A 289 12.44 6.83 35.19
CA GLU A 289 12.46 5.56 35.89
C GLU A 289 12.42 4.38 34.93
N ASP A 290 11.80 4.55 33.76
CA ASP A 290 11.76 3.49 32.77
C ASP A 290 13.15 3.13 32.26
N ALA A 291 14.12 4.04 32.41
CA ALA A 291 15.47 3.77 31.93
C ALA A 291 16.10 2.61 32.69
N THR A 292 16.94 1.86 31.99
CA THR A 292 17.63 0.69 32.53
C THR A 292 19.13 0.85 32.25
N PRO A 293 19.83 1.66 33.04
CA PRO A 293 21.26 1.88 32.78
C PRO A 293 22.04 0.58 32.86
N GLU A 294 23.05 0.46 31.99
CA GLU A 294 23.88 -0.74 31.96
C GLU A 294 24.78 -0.78 33.19
N PRO A 295 25.28 -1.96 33.55
CA PRO A 295 26.22 -2.03 34.67
C PRO A 295 27.45 -1.16 34.42
N GLY A 296 27.87 -0.45 35.47
CA GLY A 296 29.04 0.39 35.37
C GLY A 296 28.93 1.49 34.34
N GLU A 297 27.79 2.20 34.34
CA GLU A 297 27.53 3.28 33.40
C GLU A 297 27.36 4.57 34.18
N ASP A 298 28.12 5.60 33.80
CA ASP A 298 28.03 6.88 34.48
C ASP A 298 26.63 7.47 34.29
N PRO A 299 26.07 8.11 35.32
CA PRO A 299 24.73 8.72 35.14
C PRO A 299 24.66 9.70 33.98
N ARG A 300 25.74 10.42 33.69
CA ARG A 300 25.72 11.39 32.61
C ARG A 300 25.52 10.71 31.25
N VAL A 301 26.23 9.60 31.01
CA VAL A 301 26.14 8.94 29.72
C VAL A 301 24.73 8.39 29.50
N THR A 302 24.17 7.74 30.52
CA THR A 302 22.81 7.22 30.39
C THR A 302 21.80 8.36 30.25
N ARG A 303 22.02 9.46 30.96
CA ARG A 303 21.13 10.60 30.82
C ARG A 303 21.11 11.12 29.39
N ALA A 304 22.30 11.28 28.79
CA ALA A 304 22.36 11.73 27.41
C ALA A 304 21.75 10.72 26.45
N LYS A 305 22.03 9.43 26.66
CA LYS A 305 21.48 8.39 25.80
C LYS A 305 19.95 8.44 25.81
N TYR A 306 19.36 8.49 27.01
CA TYR A 306 17.90 8.48 27.10
C TYR A 306 17.31 9.82 26.68
N PHE A 307 18.06 10.91 26.79
CA PHE A 307 17.61 12.18 26.24
C PHE A 307 17.46 12.10 24.74
N ILE A 308 18.46 11.54 24.06
CA ILE A 308 18.38 11.39 22.61
C ILE A 308 17.29 10.40 22.23
N ARG A 309 17.15 9.33 23.01
CA ARG A 309 16.11 8.34 22.73
C ARG A 309 14.72 8.97 22.88
N ASP A 310 14.53 9.80 23.90
CA ASP A 310 13.25 10.50 24.06
C ASP A 310 13.04 11.52 22.95
N GLU A 311 14.12 12.16 22.48
CA GLU A 311 13.97 13.05 21.33
C GLU A 311 13.44 12.30 20.13
N PHE A 312 13.97 11.10 19.85
CA PHE A 312 13.45 10.29 18.76
C PHE A 312 12.01 9.85 19.03
N LEU A 313 11.72 9.42 20.26
CA LEU A 313 10.41 8.87 20.57
C LEU A 313 9.32 9.93 20.54
N ARG A 314 9.67 11.19 20.80
CA ARG A 314 8.69 12.26 20.70
C ARG A 314 8.18 12.37 19.26
N ILE A 315 9.09 12.36 18.29
CA ILE A 315 8.69 12.37 16.89
C ILE A 315 7.94 11.10 16.55
N SER A 316 8.39 9.96 17.08
CA SER A 316 7.73 8.70 16.78
C SER A 316 6.27 8.72 17.22
N THR A 317 6.00 9.24 18.42
CA THR A 317 4.67 9.23 19.00
C THR A 317 3.81 10.42 18.59
N ALA A 318 4.40 11.47 18.03
CA ALA A 318 3.61 12.63 17.64
C ALA A 318 2.60 12.28 16.56
N SER A 319 3.02 11.48 15.57
CA SER A 319 2.16 11.12 14.44
C SER A 319 1.63 9.69 14.51
N GLY A 320 2.15 8.88 15.43
CA GLY A 320 1.69 7.50 15.55
C GLY A 320 0.20 7.41 15.83
N ASP A 321 -0.50 6.56 15.06
CA ASP A 321 -1.94 6.38 15.21
C ASP A 321 -2.31 4.90 15.28
N GLY A 322 -1.40 4.07 15.79
CA GLY A 322 -1.62 2.66 15.91
C GLY A 322 -1.16 1.83 14.74
N ARG A 323 -0.92 2.47 13.59
CA ARG A 323 -0.41 1.79 12.40
C ARG A 323 1.09 2.01 12.21
N HIS A 324 1.75 2.68 13.15
CA HIS A 324 3.16 3.01 13.04
C HIS A 324 3.79 2.98 14.42
N TYR A 325 4.93 2.30 14.53
CA TYR A 325 5.63 2.19 15.80
C TYR A 325 7.14 2.18 15.55
N CYS A 326 7.88 2.56 16.58
CA CYS A 326 9.34 2.60 16.54
C CYS A 326 9.91 1.65 17.59
N TYR A 327 11.11 1.14 17.31
CA TYR A 327 11.80 0.19 18.19
C TYR A 327 13.16 0.78 18.54
N PRO A 328 13.25 1.56 19.62
CA PRO A 328 14.54 2.15 19.99
C PRO A 328 15.46 1.10 20.61
N HIS A 329 16.68 1.00 20.05
CA HIS A 329 17.68 0.07 20.53
C HIS A 329 19.02 0.79 20.64
N PHE A 330 19.77 0.45 21.69
CA PHE A 330 21.13 0.94 21.88
C PHE A 330 22.07 -0.11 21.32
N THR A 331 22.74 0.20 20.21
CA THR A 331 23.56 -0.75 19.49
C THR A 331 24.94 -0.15 19.22
N CYS A 332 25.88 -1.03 18.90
CA CYS A 332 27.24 -0.64 18.56
C CYS A 332 27.63 -1.28 17.24
N SER A 333 28.63 -0.70 16.59
CA SER A 333 29.09 -1.24 15.31
C SER A 333 29.56 -2.68 15.46
N VAL A 334 30.25 -2.98 16.56
CA VAL A 334 30.69 -4.34 16.85
C VAL A 334 29.64 -4.95 17.77
N ASP A 335 28.61 -5.56 17.17
CA ASP A 335 27.54 -6.20 17.91
C ASP A 335 27.04 -7.40 17.12
N THR A 336 26.97 -8.55 17.80
CA THR A 336 26.51 -9.78 17.18
C THR A 336 25.04 -10.09 17.47
N GLU A 337 24.35 -9.22 18.20
CA GLU A 337 22.96 -9.45 18.58
C GLU A 337 22.00 -8.51 17.88
N ASN A 338 22.46 -7.73 16.90
CA ASN A 338 21.56 -6.85 16.16
C ASN A 338 20.55 -7.67 15.36
N ALA A 339 20.98 -8.79 14.79
CA ALA A 339 20.08 -9.64 14.03
C ALA A 339 18.94 -10.16 14.90
N ARG A 340 19.25 -10.52 16.15
CA ARG A 340 18.21 -10.96 17.08
C ARG A 340 17.18 -9.87 17.32
N ARG A 341 17.64 -8.63 17.52
CA ARG A 341 16.72 -7.52 17.73
C ARG A 341 15.86 -7.29 16.50
N ILE A 342 16.46 -7.34 15.31
CA ILE A 342 15.69 -7.16 14.07
C ILE A 342 14.64 -8.25 13.93
N PHE A 343 15.02 -9.50 14.23
CA PHE A 343 14.08 -10.60 14.13
C PHE A 343 12.93 -10.42 15.11
N ASN A 344 13.23 -9.99 16.34
CA ASN A 344 12.17 -9.76 17.32
C ASN A 344 11.23 -8.63 16.86
N ASP A 345 11.79 -7.56 16.31
CA ASP A 345 10.97 -6.47 15.83
C ASP A 345 10.06 -6.92 14.68
N CYS A 346 10.61 -7.71 13.75
CA CYS A 346 9.80 -8.23 12.66
C CYS A 346 8.71 -9.15 13.18
N ARG A 347 9.04 -9.98 14.18
CA ARG A 347 8.04 -10.86 14.78
C ARG A 347 6.90 -10.04 15.38
N ASP A 348 7.23 -8.99 16.12
CA ASP A 348 6.19 -8.15 16.71
C ASP A 348 5.35 -7.47 15.63
N ILE A 349 5.99 -6.96 14.58
CA ILE A 349 5.25 -6.27 13.52
C ILE A 349 4.28 -7.21 12.84
N ILE A 350 4.75 -8.42 12.50
CA ILE A 350 3.87 -9.38 11.84
C ILE A 350 2.80 -9.87 12.79
N GLN A 351 3.10 -9.96 14.08
CA GLN A 351 2.08 -10.33 15.05
C GLN A 351 0.96 -9.29 15.08
N ARG A 352 1.33 -8.01 15.09
CA ARG A 352 0.32 -6.96 15.04
C ARG A 352 -0.47 -7.01 13.74
N MET A 353 0.22 -7.25 12.61
CA MET A 353 -0.46 -7.31 11.33
C MET A 353 -1.46 -8.46 11.30
N HIS A 354 -1.08 -9.62 11.84
CA HIS A 354 -2.01 -10.75 11.92
C HIS A 354 -3.16 -10.43 12.87
N LEU A 355 -2.87 -9.79 14.00
CA LEU A 355 -3.93 -9.40 14.92
C LEU A 355 -4.98 -8.57 14.22
N ARG A 356 -4.54 -7.56 13.45
CA ARG A 356 -5.49 -6.74 12.69
C ARG A 356 -6.17 -7.56 11.60
N GLN A 357 -5.42 -8.42 10.91
CA GLN A 357 -6.00 -9.18 9.80
C GLN A 357 -7.00 -10.20 10.28
N TYR A 358 -6.71 -10.90 11.37
CA TYR A 358 -7.62 -11.94 11.87
C TYR A 358 -8.61 -11.38 12.90
N GLU A 359 -9.23 -10.25 12.55
CA GLU A 359 -10.38 -9.71 13.27
C GLU A 359 -10.24 -9.77 14.78
N LEU A 360 -9.03 -9.61 15.31
CA LEU A 360 -8.81 -9.58 16.75
C LEU A 360 -8.48 -8.21 17.30
N LEU A 361 -7.78 -7.38 16.53
CA LEU A 361 -7.41 -6.04 16.97
C LEU A 361 -8.20 -4.99 16.20
N ASP B 10 29.00 36.85 -11.29
CA ASP B 10 27.57 37.25 -11.17
C ASP B 10 27.01 37.77 -12.48
N GLN B 11 27.92 38.11 -13.41
CA GLN B 11 27.49 38.60 -14.72
C GLN B 11 26.70 37.53 -15.47
N LEU B 12 27.15 36.27 -15.39
CA LEU B 12 26.45 35.19 -16.08
C LEU B 12 25.03 35.03 -15.55
N ARG B 13 24.85 35.17 -14.23
CA ARG B 13 23.51 35.09 -13.66
C ARG B 13 22.61 36.20 -14.19
N GLN B 14 23.15 37.42 -14.29
CA GLN B 14 22.36 38.53 -14.84
C GLN B 14 22.00 38.27 -16.30
N GLU B 15 22.95 37.74 -17.08
CA GLU B 15 22.66 37.42 -18.48
C GLU B 15 21.58 36.36 -18.58
N ALA B 16 21.65 35.33 -17.72
CA ALA B 16 20.62 34.31 -17.71
C ALA B 16 19.26 34.88 -17.35
N GLU B 17 19.22 35.79 -16.37
CA GLU B 17 17.95 36.43 -16.01
C GLU B 17 17.40 37.23 -17.18
N GLN B 18 18.25 37.98 -17.87
CA GLN B 18 17.79 38.74 -19.03
C GLN B 18 17.25 37.82 -20.12
N LEU B 19 17.95 36.71 -20.38
CA LEU B 19 17.49 35.77 -21.39
C LEU B 19 16.17 35.14 -21.00
N LYS B 20 15.99 34.81 -19.72
CA LYS B 20 14.72 34.27 -19.25
C LYS B 20 13.60 35.30 -19.42
N ASN B 21 13.88 36.56 -19.13
CA ASN B 21 12.88 37.60 -19.34
C ASN B 21 12.50 37.72 -20.81
N GLN B 22 13.50 37.62 -21.70
CA GLN B 22 13.22 37.65 -23.14
C GLN B 22 12.36 36.45 -23.55
N ILE B 23 12.66 35.28 -23.01
CA ILE B 23 11.86 34.09 -23.30
C ILE B 23 10.42 34.32 -22.87
N ARG B 24 10.24 34.84 -21.66
CA ARG B 24 8.89 35.09 -21.16
C ARG B 24 8.16 36.10 -22.05
N ASP B 25 8.85 37.16 -22.46
CA ASP B 25 8.22 38.17 -23.30
C ASP B 25 7.79 37.59 -24.63
N ALA B 26 8.63 36.77 -25.25
CA ALA B 26 8.25 36.15 -26.53
C ALA B 26 7.05 35.22 -26.34
N ARG B 27 7.12 34.33 -25.35
CA ARG B 27 6.02 33.39 -25.15
C ARG B 27 4.71 34.13 -24.86
N LYS B 28 4.79 35.25 -24.13
CA LYS B 28 3.61 36.08 -23.94
C LYS B 28 3.14 36.70 -25.25
N ALA B 29 4.09 37.18 -26.06
CA ALA B 29 3.74 37.79 -27.33
C ALA B 29 2.93 36.85 -28.20
N CYS B 30 3.26 35.56 -28.17
CA CYS B 30 2.46 34.61 -28.93
C CYS B 30 1.05 34.42 -28.36
N ALA B 31 0.90 34.45 -27.04
CA ALA B 31 -0.34 34.02 -26.38
C ALA B 31 -1.39 35.11 -26.50
N ASP B 32 -2.31 34.93 -27.44
CA ASP B 32 -3.45 35.83 -27.60
C ASP B 32 -4.75 35.20 -27.11
N ALA B 33 -4.91 33.90 -27.40
CA ALA B 33 -6.16 33.17 -27.09
C ALA B 33 -5.83 31.87 -26.38
N THR B 34 -6.82 31.25 -25.75
CA THR B 34 -6.65 30.07 -24.91
C THR B 34 -7.25 28.90 -25.60
N LEU B 35 -6.77 27.71 -25.27
CA LEU B 35 -7.26 26.53 -26.02
C LEU B 35 -8.75 26.55 -25.74
N SER B 36 -9.14 26.84 -24.51
CA SER B 36 -10.56 26.74 -24.10
C SER B 36 -11.47 27.52 -25.04
N GLN B 37 -10.98 28.60 -25.64
CA GLN B 37 -11.81 29.47 -26.50
C GLN B 37 -11.95 28.86 -27.89
N ILE B 38 -10.86 28.48 -28.51
CA ILE B 38 -10.97 27.81 -29.83
C ILE B 38 -11.82 26.53 -29.65
N THR B 39 -11.98 25.98 -28.42
CA THR B 39 -12.70 24.73 -28.22
C THR B 39 -14.07 24.89 -27.58
N ASN B 40 -14.46 26.09 -27.17
CA ASN B 40 -15.79 26.28 -26.61
C ASN B 40 -16.87 25.80 -27.56
N ASN B 41 -16.63 25.88 -28.86
CA ASN B 41 -17.59 25.43 -29.87
C ASN B 41 -17.34 23.96 -30.22
N ILE B 42 -17.32 23.10 -29.21
CA ILE B 42 -17.09 21.67 -29.38
C ILE B 42 -18.08 20.91 -28.51
N ASP B 43 -18.70 19.89 -29.09
CA ASP B 43 -19.62 19.06 -28.32
C ASP B 43 -18.85 18.25 -27.28
N PRO B 44 -19.31 18.20 -26.03
CA PRO B 44 -18.58 17.44 -25.02
C PRO B 44 -18.59 15.94 -25.33
N VAL B 45 -17.52 15.26 -24.93
CA VAL B 45 -17.42 13.83 -25.16
C VAL B 45 -18.54 13.10 -24.43
N GLY B 46 -18.90 13.56 -23.24
CA GLY B 46 -19.89 12.91 -22.41
C GLY B 46 -19.28 11.87 -21.50
N ARG B 47 -20.13 11.29 -20.66
CA ARG B 47 -19.67 10.29 -19.70
C ARG B 47 -19.12 9.08 -20.43
N ILE B 48 -17.94 8.62 -20.01
CA ILE B 48 -17.33 7.39 -20.52
C ILE B 48 -17.60 6.30 -19.51
N GLN B 49 -18.17 5.19 -19.97
CA GLN B 49 -18.58 4.08 -19.12
C GLN B 49 -17.73 2.84 -19.38
N MET B 50 -16.42 3.03 -19.56
CA MET B 50 -15.52 1.91 -19.74
C MET B 50 -15.63 0.95 -18.56
N ARG B 51 -15.75 -0.33 -18.86
CA ARG B 51 -15.88 -1.37 -17.85
C ARG B 51 -14.77 -2.39 -18.00
N THR B 52 -14.49 -3.11 -16.92
CA THR B 52 -13.44 -4.11 -16.90
C THR B 52 -13.90 -5.36 -17.65
N ARG B 53 -13.22 -5.68 -18.74
CA ARG B 53 -13.53 -6.86 -19.53
C ARG B 53 -12.74 -8.08 -19.06
N ARG B 54 -11.43 -7.93 -18.88
CA ARG B 54 -10.56 -9.01 -18.42
C ARG B 54 -9.70 -8.51 -17.28
N THR B 55 -9.44 -9.42 -16.33
CA THR B 55 -8.64 -9.10 -15.14
C THR B 55 -7.48 -10.08 -15.05
N LEU B 56 -6.28 -9.56 -14.80
CA LEU B 56 -5.08 -10.36 -14.65
C LEU B 56 -4.64 -10.29 -13.19
N ARG B 57 -4.54 -11.46 -12.55
CA ARG B 57 -4.22 -11.53 -11.12
C ARG B 57 -2.97 -12.37 -10.86
N GLY B 58 -2.17 -12.63 -11.88
CA GLY B 58 -0.98 -13.47 -11.71
C GLY B 58 0.16 -12.79 -10.99
N HIS B 59 0.18 -11.46 -10.97
CA HIS B 59 1.28 -10.74 -10.37
C HIS B 59 1.22 -10.83 -8.85
N LEU B 60 2.40 -10.71 -8.22
CA LEU B 60 2.52 -10.88 -6.77
C LEU B 60 2.42 -9.54 -6.03
N ALA B 61 3.33 -8.62 -6.34
CA ALA B 61 3.44 -7.36 -5.62
C ALA B 61 2.98 -6.21 -6.53
N LYS B 62 3.14 -5.00 -6.03
CA LYS B 62 2.73 -3.81 -6.77
C LYS B 62 3.37 -3.79 -8.14
N ILE B 63 2.54 -3.67 -9.18
CA ILE B 63 3.04 -3.48 -10.53
C ILE B 63 3.56 -2.06 -10.68
N TYR B 64 4.66 -1.89 -11.41
CA TYR B 64 5.29 -0.58 -11.54
C TYR B 64 5.47 -0.11 -12.97
N ALA B 65 5.34 -0.98 -13.97
CA ALA B 65 5.51 -0.55 -15.35
C ALA B 65 4.93 -1.58 -16.29
N MET B 66 4.44 -1.11 -17.44
CA MET B 66 3.95 -1.99 -18.48
C MET B 66 4.01 -1.24 -19.81
N HIS B 67 3.95 -2.00 -20.90
CA HIS B 67 4.02 -1.42 -22.23
C HIS B 67 3.26 -2.31 -23.20
N TRP B 68 2.34 -1.71 -23.95
CA TRP B 68 1.59 -2.45 -24.95
C TRP B 68 2.48 -2.73 -26.17
N GLY B 69 2.27 -3.90 -26.77
CA GLY B 69 3.01 -4.26 -27.96
C GLY B 69 2.46 -3.62 -29.22
N THR B 70 3.20 -3.77 -30.30
CA THR B 70 2.78 -3.22 -31.58
C THR B 70 1.53 -3.93 -32.09
N ASP B 71 1.35 -5.20 -31.76
CA ASP B 71 0.22 -5.97 -32.26
C ASP B 71 -1.06 -5.73 -31.47
N SER B 72 -0.99 -5.01 -30.35
CA SER B 72 -2.17 -4.73 -29.53
C SER B 72 -2.82 -6.02 -29.02
N ARG B 73 -2.03 -7.09 -28.91
CA ARG B 73 -2.53 -8.37 -28.43
C ARG B 73 -1.69 -8.89 -27.28
N LEU B 74 -0.40 -8.55 -27.28
CA LEU B 74 0.53 -8.95 -26.24
C LEU B 74 0.94 -7.73 -25.42
N LEU B 75 0.95 -7.86 -24.10
CA LEU B 75 1.33 -6.79 -23.21
C LEU B 75 2.43 -7.27 -22.27
N VAL B 76 3.27 -6.35 -21.83
CA VAL B 76 4.36 -6.64 -20.90
C VAL B 76 4.12 -5.85 -19.62
N SER B 77 4.23 -6.53 -18.48
CA SER B 77 4.03 -5.90 -17.18
C SER B 77 5.19 -6.26 -16.26
N ALA B 78 5.64 -5.27 -15.49
CA ALA B 78 6.75 -5.42 -14.56
C ALA B 78 6.24 -5.30 -13.13
N SER B 79 6.59 -6.27 -12.30
CA SER B 79 6.16 -6.29 -10.92
C SER B 79 7.36 -6.49 -9.99
N GLN B 80 7.34 -5.75 -8.88
CA GLN B 80 8.46 -5.64 -7.95
C GLN B 80 8.78 -6.95 -7.24
N ASP B 81 7.91 -7.96 -7.32
CA ASP B 81 8.33 -9.31 -6.94
C ASP B 81 9.57 -9.71 -7.70
N GLY B 82 9.84 -9.07 -8.83
CA GLY B 82 10.97 -9.39 -9.68
C GLY B 82 10.51 -10.19 -10.87
N LYS B 83 9.32 -9.90 -11.40
CA LYS B 83 8.76 -10.69 -12.49
C LYS B 83 8.30 -9.78 -13.62
N LEU B 84 8.71 -10.13 -14.84
CA LEU B 84 8.25 -9.47 -16.06
C LEU B 84 7.35 -10.47 -16.78
N ILE B 85 6.04 -10.25 -16.69
CA ILE B 85 5.07 -11.18 -17.27
C ILE B 85 4.55 -10.59 -18.58
N ILE B 86 4.62 -11.38 -19.65
CA ILE B 86 4.04 -11.03 -20.93
C ILE B 86 2.73 -11.79 -21.08
N TRP B 87 1.63 -11.05 -21.13
CA TRP B 87 0.29 -11.59 -21.17
C TRP B 87 -0.30 -11.48 -22.58
N ASP B 88 -1.18 -12.42 -22.90
CA ASP B 88 -2.02 -12.37 -24.09
C ASP B 88 -3.37 -11.80 -23.67
N SER B 89 -3.64 -10.55 -24.08
CA SER B 89 -4.83 -9.86 -23.59
C SER B 89 -6.11 -10.56 -24.03
N TYR B 90 -6.16 -11.01 -25.28
CA TYR B 90 -7.41 -11.54 -25.82
C TYR B 90 -7.88 -12.77 -25.05
N THR B 91 -6.96 -13.70 -24.78
CA THR B 91 -7.31 -14.97 -24.16
C THR B 91 -6.90 -15.06 -22.70
N THR B 92 -6.29 -14.02 -22.14
CA THR B 92 -5.84 -13.96 -20.75
C THR B 92 -4.65 -14.88 -20.48
N ASN B 93 -4.21 -15.65 -21.46
CA ASN B 93 -3.10 -16.57 -21.24
C ASN B 93 -1.80 -15.80 -21.03
N LYS B 94 -0.95 -16.32 -20.15
CA LYS B 94 0.36 -15.73 -19.89
C LYS B 94 1.33 -16.27 -20.93
N VAL B 95 1.77 -15.40 -21.84
CA VAL B 95 2.68 -15.82 -22.90
C VAL B 95 4.05 -16.15 -22.32
N HIS B 96 4.56 -15.30 -21.44
CA HIS B 96 5.90 -15.50 -20.90
C HIS B 96 5.95 -14.99 -19.47
N ALA B 97 6.92 -15.51 -18.72
CA ALA B 97 7.20 -15.06 -17.35
C ALA B 97 8.72 -15.06 -17.18
N ILE B 98 9.31 -13.88 -17.11
CA ILE B 98 10.77 -13.70 -17.04
C ILE B 98 11.12 -13.32 -15.61
N PRO B 99 11.82 -14.17 -14.86
CA PRO B 99 12.36 -13.74 -13.57
C PRO B 99 13.48 -12.74 -13.76
N LEU B 100 13.56 -11.78 -12.84
CA LEU B 100 14.52 -10.67 -12.94
C LEU B 100 15.54 -10.77 -11.82
N ARG B 101 16.76 -10.31 -12.12
CA ARG B 101 17.85 -10.39 -11.15
C ARG B 101 17.59 -9.46 -9.96
N SER B 102 17.15 -8.24 -10.23
CA SER B 102 16.83 -7.28 -9.17
C SER B 102 15.32 -7.16 -9.03
N SER B 103 14.83 -7.37 -7.81
CA SER B 103 13.39 -7.34 -7.58
C SER B 103 12.79 -5.96 -7.79
N TRP B 104 13.60 -4.90 -7.70
CA TRP B 104 13.11 -3.53 -7.84
C TRP B 104 13.18 -3.12 -9.30
N VAL B 105 12.03 -3.02 -9.94
CA VAL B 105 11.92 -2.65 -11.34
C VAL B 105 10.94 -1.48 -11.45
N MET B 106 11.37 -0.41 -12.13
CA MET B 106 10.54 0.78 -12.31
C MET B 106 10.03 0.95 -13.73
N THR B 107 10.65 0.32 -14.72
CA THR B 107 10.32 0.53 -16.12
C THR B 107 10.42 -0.77 -16.89
N CYS B 108 9.59 -0.88 -17.92
CA CYS B 108 9.67 -1.98 -18.86
C CYS B 108 9.12 -1.53 -20.21
N ALA B 109 9.68 -2.06 -21.28
CA ALA B 109 9.35 -1.65 -22.63
C ALA B 109 9.36 -2.87 -23.55
N TYR B 110 8.54 -2.79 -24.60
CA TYR B 110 8.42 -3.84 -25.60
C TYR B 110 8.96 -3.33 -26.93
N ALA B 111 9.79 -4.13 -27.59
CA ALA B 111 10.37 -3.72 -28.85
C ALA B 111 9.28 -3.61 -29.92
N PRO B 112 9.45 -2.72 -30.90
CA PRO B 112 8.43 -2.63 -31.97
C PRO B 112 8.20 -3.94 -32.70
N SER B 113 9.27 -4.70 -32.92
CA SER B 113 9.14 -5.99 -33.60
C SER B 113 8.70 -7.10 -32.66
N GLY B 114 8.66 -6.85 -31.35
CA GLY B 114 8.24 -7.86 -30.40
C GLY B 114 9.28 -8.90 -30.08
N ASN B 115 10.53 -8.70 -30.49
CA ASN B 115 11.58 -9.69 -30.27
C ASN B 115 12.38 -9.41 -29.00
N TYR B 116 12.40 -8.17 -28.52
CA TYR B 116 13.19 -7.81 -27.35
C TYR B 116 12.31 -7.10 -26.32
N VAL B 117 12.56 -7.38 -25.05
CA VAL B 117 11.84 -6.77 -23.94
C VAL B 117 12.87 -6.18 -22.98
N ALA B 118 12.72 -4.91 -22.66
CA ALA B 118 13.64 -4.21 -21.77
C ALA B 118 12.99 -3.98 -20.41
N CYS B 119 13.81 -3.98 -19.37
CA CYS B 119 13.35 -3.70 -18.02
C CYS B 119 14.45 -2.94 -17.27
N GLY B 120 14.05 -2.23 -16.23
CA GLY B 120 15.01 -1.46 -15.46
C GLY B 120 14.43 -0.96 -14.16
N GLY B 121 15.32 -0.65 -13.22
CA GLY B 121 14.90 -0.18 -11.92
C GLY B 121 16.03 0.42 -11.10
N LEU B 122 16.03 0.13 -9.79
CA LEU B 122 17.01 0.70 -8.87
C LEU B 122 18.43 0.20 -9.13
N ASP B 123 18.60 -0.86 -9.93
CA ASP B 123 19.92 -1.40 -10.18
C ASP B 123 20.77 -0.50 -11.07
N ASN B 124 20.20 0.57 -11.62
CA ASN B 124 20.92 1.48 -12.52
C ASN B 124 21.35 0.76 -13.79
N ILE B 125 20.61 -0.27 -14.17
CA ILE B 125 20.90 -1.07 -15.36
C ILE B 125 19.58 -1.33 -16.08
N CYS B 126 19.60 -1.29 -17.41
CA CYS B 126 18.46 -1.75 -18.20
C CYS B 126 18.84 -3.07 -18.86
N SER B 127 18.07 -4.11 -18.59
CA SER B 127 18.33 -5.46 -19.07
C SER B 127 17.35 -5.78 -20.19
N ILE B 128 17.88 -6.30 -21.30
CA ILE B 128 17.11 -6.62 -22.49
C ILE B 128 17.15 -8.12 -22.69
N TYR B 129 15.96 -8.72 -22.80
CA TYR B 129 15.81 -10.16 -23.01
C TYR B 129 15.23 -10.41 -24.40
N ASN B 130 15.68 -11.50 -25.01
CA ASN B 130 15.23 -11.88 -26.35
C ASN B 130 14.16 -12.95 -26.24
N LEU B 131 13.04 -12.75 -26.94
CA LEU B 131 11.93 -13.69 -26.93
C LEU B 131 11.94 -14.66 -28.10
N LYS B 132 12.72 -14.40 -29.14
CA LYS B 132 12.74 -15.24 -30.34
C LYS B 132 13.97 -16.14 -30.39
N THR B 133 14.45 -16.59 -29.23
CA THR B 133 15.57 -17.52 -29.20
C THR B 133 15.15 -18.86 -29.79
N ARG B 134 16.08 -19.51 -30.50
CA ARG B 134 15.76 -20.78 -31.13
C ARG B 134 15.39 -21.85 -30.10
N GLU B 135 15.90 -21.72 -28.87
CA GLU B 135 15.57 -22.67 -27.81
C GLU B 135 14.20 -22.43 -27.21
N GLY B 136 13.60 -21.27 -27.45
CA GLY B 136 12.28 -20.96 -26.91
C GLY B 136 12.27 -20.55 -25.46
N ASN B 137 13.43 -20.26 -24.87
CA ASN B 137 13.53 -19.88 -23.46
C ASN B 137 14.08 -18.46 -23.36
N VAL B 138 13.48 -17.66 -22.46
CA VAL B 138 13.93 -16.30 -22.26
C VAL B 138 15.28 -16.30 -21.57
N ARG B 139 16.19 -15.46 -22.07
CA ARG B 139 17.53 -15.34 -21.51
C ARG B 139 17.97 -13.89 -21.56
N VAL B 140 18.99 -13.57 -20.78
CA VAL B 140 19.53 -12.21 -20.72
C VAL B 140 20.30 -11.93 -22.01
N SER B 141 19.67 -11.20 -22.94
CA SER B 141 20.34 -10.88 -24.19
C SER B 141 21.40 -9.81 -24.00
N ARG B 142 21.11 -8.79 -23.19
CA ARG B 142 22.04 -7.69 -22.99
C ARG B 142 21.77 -7.06 -21.63
N GLU B 143 22.83 -6.50 -21.03
CA GLU B 143 22.72 -5.70 -19.82
C GLU B 143 23.44 -4.39 -20.07
N LEU B 144 22.74 -3.26 -19.89
CA LEU B 144 23.30 -1.94 -20.13
C LEU B 144 23.49 -1.24 -18.80
N ALA B 145 24.73 -0.85 -18.52
CA ALA B 145 25.12 -0.17 -17.29
C ALA B 145 25.92 1.08 -17.66
N GLY B 146 26.03 1.99 -16.69
CA GLY B 146 26.75 3.23 -16.89
C GLY B 146 26.05 4.40 -16.23
N HIS B 147 24.76 4.24 -15.95
CA HIS B 147 23.99 5.28 -15.28
C HIS B 147 24.29 5.25 -13.79
N THR B 148 24.39 6.45 -13.19
CA THR B 148 24.65 6.59 -11.77
C THR B 148 23.37 6.80 -10.97
N GLY B 149 22.20 6.67 -11.60
CA GLY B 149 20.93 6.79 -10.91
C GLY B 149 19.99 5.68 -11.30
N TYR B 150 18.87 5.61 -10.59
CA TYR B 150 17.90 4.55 -10.83
C TYR B 150 17.17 4.81 -12.15
N LEU B 151 17.10 3.78 -12.99
CA LEU B 151 16.44 3.90 -14.28
C LEU B 151 14.92 3.97 -14.08
N SER B 152 14.32 5.05 -14.57
CA SER B 152 12.88 5.26 -14.46
C SER B 152 12.12 4.91 -15.73
N CYS B 153 12.78 4.94 -16.88
CA CYS B 153 12.12 4.59 -18.14
C CYS B 153 13.19 4.31 -19.19
N CYS B 154 13.31 3.05 -19.62
CA CYS B 154 14.10 2.70 -20.80
C CYS B 154 13.17 2.18 -21.88
N ARG B 155 13.01 2.98 -22.94
CA ARG B 155 12.10 2.75 -24.05
C ARG B 155 12.89 2.38 -25.30
N PHE B 156 12.20 1.76 -26.26
CA PHE B 156 12.83 1.26 -27.47
C PHE B 156 12.60 2.22 -28.64
N LEU B 157 13.64 2.39 -29.47
CA LEU B 157 13.53 3.03 -30.77
C LEU B 157 13.57 2.01 -31.91
N ASP B 158 14.44 1.02 -31.80
CA ASP B 158 14.52 -0.10 -32.73
C ASP B 158 15.14 -1.28 -31.98
N ASP B 159 15.50 -2.32 -32.72
CA ASP B 159 16.03 -3.53 -32.08
C ASP B 159 17.41 -3.33 -31.48
N ASN B 160 18.22 -2.40 -32.01
CA ASN B 160 19.60 -2.23 -31.58
C ASN B 160 19.85 -0.84 -30.98
N GLN B 161 18.82 -0.12 -30.57
CA GLN B 161 19.00 1.20 -29.99
C GLN B 161 17.89 1.45 -28.98
N ILE B 162 18.27 1.74 -27.73
CA ILE B 162 17.34 1.96 -26.65
C ILE B 162 17.64 3.30 -25.99
N VAL B 163 16.60 4.11 -25.77
CA VAL B 163 16.74 5.35 -25.01
C VAL B 163 16.21 5.12 -23.61
N THR B 164 16.92 5.65 -22.62
CA THR B 164 16.60 5.43 -21.21
C THR B 164 16.73 6.71 -20.43
N SER B 165 15.92 6.82 -19.38
CA SER B 165 15.98 7.90 -18.41
C SER B 165 16.38 7.32 -17.07
N SER B 166 17.27 8.01 -16.36
CA SER B 166 17.78 7.53 -15.09
C SER B 166 17.68 8.63 -14.04
N GLY B 167 17.90 8.23 -12.78
CA GLY B 167 17.81 9.11 -11.64
C GLY B 167 19.05 9.92 -11.37
N ASP B 168 19.99 9.97 -12.31
CA ASP B 168 21.18 10.80 -12.20
C ASP B 168 21.03 12.12 -12.95
N THR B 169 19.80 12.55 -13.21
CA THR B 169 19.52 13.76 -13.98
C THR B 169 20.08 13.66 -15.40
N THR B 170 20.25 12.44 -15.92
CA THR B 170 20.84 12.23 -17.22
C THR B 170 20.07 11.16 -17.97
N CYS B 171 19.84 11.39 -19.25
CA CYS B 171 19.23 10.42 -20.15
C CYS B 171 20.29 9.91 -21.11
N ALA B 172 20.05 8.72 -21.67
CA ALA B 172 21.04 8.06 -22.50
C ALA B 172 20.38 7.42 -23.72
N LEU B 173 21.12 7.40 -24.83
CA LEU B 173 20.80 6.56 -25.98
C LEU B 173 21.92 5.53 -26.14
N TRP B 174 21.52 4.26 -26.25
CA TRP B 174 22.45 3.14 -26.22
C TRP B 174 22.33 2.35 -27.51
N ASP B 175 23.49 1.98 -28.05
CA ASP B 175 23.59 0.89 -29.01
C ASP B 175 23.65 -0.42 -28.25
N ILE B 176 22.74 -1.34 -28.59
CA ILE B 176 22.60 -2.56 -27.80
C ILE B 176 23.56 -3.65 -28.24
N GLU B 177 24.05 -3.62 -29.48
CA GLU B 177 25.03 -4.60 -29.91
C GLU B 177 26.37 -4.40 -29.20
N THR B 178 26.87 -3.16 -29.18
CA THR B 178 28.14 -2.89 -28.52
C THR B 178 27.98 -2.65 -27.03
N GLY B 179 26.82 -2.16 -26.60
CA GLY B 179 26.55 -1.99 -25.18
C GLY B 179 27.15 -0.76 -24.54
N GLN B 180 27.39 0.30 -25.33
CA GLN B 180 27.95 1.53 -24.81
C GLN B 180 26.95 2.67 -25.00
N GLN B 181 27.20 3.78 -24.29
CA GLN B 181 26.34 4.95 -24.35
C GLN B 181 26.62 5.71 -25.64
N THR B 182 25.71 5.59 -26.61
CA THR B 182 25.88 6.31 -27.87
C THR B 182 25.72 7.81 -27.68
N THR B 183 24.72 8.23 -26.90
CA THR B 183 24.46 9.63 -26.66
C THR B 183 24.07 9.85 -25.21
N THR B 184 24.35 11.06 -24.71
CA THR B 184 24.08 11.41 -23.33
C THR B 184 23.43 12.79 -23.28
N PHE B 185 22.51 12.97 -22.32
CA PHE B 185 21.79 14.22 -22.13
C PHE B 185 21.84 14.58 -20.65
N THR B 186 22.52 15.67 -20.31
CA THR B 186 22.70 16.10 -18.93
C THR B 186 22.18 17.50 -18.68
N GLY B 187 21.13 17.92 -19.40
CA GLY B 187 20.63 19.26 -19.25
C GLY B 187 19.70 19.47 -18.07
N HIS B 188 19.07 18.40 -17.57
CA HIS B 188 18.17 18.54 -16.44
C HIS B 188 18.94 18.79 -15.16
N THR B 189 18.19 19.18 -14.12
CA THR B 189 18.77 19.43 -12.80
C THR B 189 18.13 18.58 -11.71
N GLY B 190 17.21 17.68 -12.06
CA GLY B 190 16.61 16.77 -11.10
C GLY B 190 16.43 15.40 -11.71
N ASP B 191 15.86 14.50 -10.91
CA ASP B 191 15.66 13.12 -11.36
C ASP B 191 14.69 13.08 -12.53
N VAL B 192 15.16 12.57 -13.67
CA VAL B 192 14.27 12.35 -14.80
C VAL B 192 13.36 11.18 -14.50
N MET B 193 12.06 11.38 -14.61
CA MET B 193 11.07 10.41 -14.15
C MET B 193 10.49 9.55 -15.26
N SER B 194 10.32 10.09 -16.46
CA SER B 194 9.77 9.33 -17.57
C SER B 194 9.90 10.14 -18.85
N LEU B 195 10.00 9.43 -19.97
CA LEU B 195 10.14 10.04 -21.28
C LEU B 195 9.21 9.34 -22.26
N SER B 196 8.87 10.05 -23.34
CA SER B 196 7.99 9.55 -24.38
C SER B 196 8.62 9.81 -25.74
N LEU B 197 8.60 8.79 -26.61
CA LEU B 197 9.13 8.92 -27.97
C LEU B 197 8.02 9.36 -28.92
N ALA B 198 8.34 10.33 -29.76
CA ALA B 198 7.40 10.74 -30.80
C ALA B 198 7.32 9.65 -31.87
N PRO B 199 6.18 9.56 -32.57
CA PRO B 199 6.07 8.54 -33.62
C PRO B 199 7.12 8.69 -34.71
N ASP B 200 7.61 9.91 -34.94
CA ASP B 200 8.65 10.14 -35.94
C ASP B 200 9.97 9.48 -35.58
N THR B 201 10.15 9.06 -34.32
CA THR B 201 11.39 8.41 -33.88
C THR B 201 12.61 9.27 -34.21
N ARG B 202 12.47 10.58 -34.02
CA ARG B 202 13.58 11.52 -34.17
C ARG B 202 13.69 12.51 -33.01
N LEU B 203 12.64 12.73 -32.25
CA LEU B 203 12.66 13.59 -31.07
C LEU B 203 11.98 12.87 -29.92
N PHE B 204 12.39 13.21 -28.69
CA PHE B 204 11.74 12.63 -27.52
C PHE B 204 11.74 13.65 -26.39
N VAL B 205 10.65 13.67 -25.64
CA VAL B 205 10.42 14.64 -24.57
C VAL B 205 10.43 13.91 -23.24
N SER B 206 11.09 14.52 -22.25
CA SER B 206 11.24 13.93 -20.93
C SER B 206 10.89 14.96 -19.87
N GLY B 207 10.58 14.47 -18.67
CA GLY B 207 10.30 15.33 -17.55
C GLY B 207 11.14 14.95 -16.35
N ALA B 208 11.50 15.96 -15.56
CA ALA B 208 12.38 15.76 -14.41
C ALA B 208 11.71 16.22 -13.13
N CYS B 209 12.33 15.90 -12.01
CA CYS B 209 11.80 16.25 -10.70
C CYS B 209 12.19 17.69 -10.35
N ASP B 210 11.92 18.62 -11.27
CA ASP B 210 12.13 20.03 -11.02
C ASP B 210 11.00 20.87 -11.63
N ALA B 211 9.85 20.26 -11.89
CA ALA B 211 8.76 20.92 -12.61
C ALA B 211 9.25 21.41 -13.98
N SER B 212 10.07 20.61 -14.64
CA SER B 212 10.68 20.98 -15.91
C SER B 212 10.66 19.81 -16.87
N ALA B 213 10.18 20.06 -18.08
CA ALA B 213 10.21 19.10 -19.17
C ALA B 213 11.10 19.64 -20.28
N LYS B 214 11.84 18.74 -20.93
CA LYS B 214 12.78 19.12 -21.98
C LYS B 214 12.62 18.22 -23.19
N LEU B 215 12.82 18.82 -24.36
CA LEU B 215 12.77 18.12 -25.64
C LEU B 215 14.19 17.88 -26.12
N TRP B 216 14.46 16.65 -26.56
CA TRP B 216 15.80 16.22 -26.96
C TRP B 216 15.75 15.57 -28.33
N ASP B 217 16.86 15.72 -29.06
CA ASP B 217 17.03 15.13 -30.37
C ASP B 217 17.98 13.94 -30.26
N VAL B 218 17.54 12.78 -30.76
CA VAL B 218 18.33 11.57 -30.65
C VAL B 218 19.61 11.69 -31.48
N ARG B 219 19.50 12.21 -32.70
CA ARG B 219 20.64 12.24 -33.59
C ARG B 219 21.67 13.28 -33.16
N GLU B 220 21.22 14.47 -32.78
CA GLU B 220 22.14 15.56 -32.45
C GLU B 220 22.71 15.39 -31.04
N GLY B 221 21.85 15.39 -30.03
CA GLY B 221 22.30 15.22 -28.66
C GLY B 221 22.32 16.53 -27.88
N MET B 222 21.35 17.41 -28.15
CA MET B 222 21.28 18.69 -27.48
C MET B 222 19.83 18.98 -27.11
N CYS B 223 19.65 19.78 -26.06
CA CYS B 223 18.32 20.19 -25.65
C CYS B 223 17.73 21.16 -26.65
N ARG B 224 16.46 20.95 -27.01
CA ARG B 224 15.77 21.79 -27.99
C ARG B 224 14.90 22.84 -27.32
N GLN B 225 13.97 22.41 -26.46
CA GLN B 225 13.04 23.32 -25.79
C GLN B 225 12.85 22.88 -24.35
N THR B 226 12.51 23.84 -23.50
CA THR B 226 12.27 23.60 -22.08
C THR B 226 10.95 24.24 -21.67
N PHE B 227 10.22 23.57 -20.79
CA PHE B 227 8.92 24.04 -20.30
C PHE B 227 8.87 23.86 -18.80
N THR B 228 8.46 24.91 -18.08
CA THR B 228 8.45 24.92 -16.63
C THR B 228 7.11 25.43 -16.12
N GLY B 229 6.01 24.91 -16.67
CA GLY B 229 4.69 25.35 -16.27
C GLY B 229 4.15 24.69 -15.01
N HIS B 230 4.75 23.58 -14.58
CA HIS B 230 4.25 22.86 -13.42
C HIS B 230 4.82 23.44 -12.13
N GLU B 231 4.20 23.06 -11.02
CA GLU B 231 4.64 23.49 -9.68
C GLU B 231 5.51 22.44 -9.00
N SER B 232 5.02 21.20 -8.90
CA SER B 232 5.71 20.12 -8.23
C SER B 232 6.42 19.25 -9.26
N ASP B 233 6.97 18.13 -8.78
CA ASP B 233 7.72 17.24 -9.65
C ASP B 233 6.81 16.60 -10.70
N ILE B 234 7.35 16.40 -11.90
CA ILE B 234 6.63 15.75 -12.98
C ILE B 234 6.95 14.26 -12.94
N ASN B 235 5.91 13.43 -12.92
CA ASN B 235 6.06 11.98 -12.83
C ASN B 235 5.72 11.25 -14.12
N ALA B 236 4.84 11.79 -14.95
CA ALA B 236 4.39 11.13 -16.15
C ALA B 236 4.49 12.08 -17.34
N ILE B 237 4.78 11.50 -18.51
CA ILE B 237 4.84 12.26 -19.76
C ILE B 237 4.45 11.31 -20.90
N CYS B 238 3.69 11.84 -21.86
CA CYS B 238 3.26 11.07 -23.01
C CYS B 238 3.11 12.02 -24.19
N PHE B 239 3.35 11.50 -25.39
CA PHE B 239 3.32 12.27 -26.61
C PHE B 239 1.94 12.20 -27.24
N PHE B 240 1.36 13.36 -27.54
CA PHE B 240 0.10 13.41 -28.27
C PHE B 240 0.31 12.74 -29.64
N PRO B 241 -0.67 11.99 -30.15
CA PRO B 241 -0.48 11.25 -31.39
C PRO B 241 0.35 11.94 -32.47
N ASN B 242 0.06 13.21 -32.78
CA ASN B 242 0.72 13.83 -33.93
C ASN B 242 2.22 14.03 -33.69
N GLY B 243 2.65 13.99 -32.43
CA GLY B 243 4.02 14.25 -32.08
C GLY B 243 4.37 15.70 -31.85
N ASN B 244 3.40 16.62 -31.98
CA ASN B 244 3.62 18.04 -31.78
C ASN B 244 3.15 18.51 -30.41
N ALA B 245 2.73 17.60 -29.54
CA ALA B 245 2.25 17.98 -28.21
C ALA B 245 2.41 16.79 -27.27
N PHE B 246 2.36 17.08 -25.97
CA PHE B 246 2.52 16.05 -24.96
C PHE B 246 1.82 16.48 -23.67
N ALA B 247 1.31 15.49 -22.94
CA ALA B 247 0.67 15.72 -21.65
C ALA B 247 1.61 15.35 -20.52
N THR B 248 1.51 16.11 -19.43
CA THR B 248 2.37 15.96 -18.26
C THR B 248 1.53 15.88 -17.00
N GLY B 249 1.89 14.95 -16.12
CA GLY B 249 1.29 14.86 -14.81
C GLY B 249 2.32 15.09 -13.73
N SER B 250 1.90 15.71 -12.64
CA SER B 250 2.81 16.12 -11.58
C SER B 250 2.20 15.86 -10.22
N ASP B 251 3.06 15.89 -9.20
CA ASP B 251 2.60 15.64 -7.83
C ASP B 251 1.68 16.73 -7.32
N ASP B 252 1.65 17.90 -7.95
CA ASP B 252 0.77 18.98 -7.52
C ASP B 252 -0.70 18.72 -7.85
N ALA B 253 -1.05 17.54 -8.38
CA ALA B 253 -2.43 17.15 -8.65
C ALA B 253 -3.01 17.86 -9.86
N THR B 254 -2.17 18.43 -10.72
CA THR B 254 -2.61 19.12 -11.91
C THR B 254 -1.87 18.59 -13.12
N CYS B 255 -2.61 18.22 -14.15
CA CYS B 255 -2.01 17.84 -15.43
C CYS B 255 -1.94 19.07 -16.34
N ARG B 256 -1.05 18.99 -17.33
CA ARG B 256 -0.90 20.09 -18.27
C ARG B 256 -0.63 19.54 -19.66
N LEU B 257 -0.94 20.36 -20.66
CA LEU B 257 -0.69 20.03 -22.06
C LEU B 257 0.28 21.05 -22.64
N PHE B 258 1.36 20.57 -23.25
CA PHE B 258 2.38 21.40 -23.84
C PHE B 258 2.50 21.10 -25.33
N ASP B 259 2.84 22.13 -26.10
CA ASP B 259 3.03 22.01 -27.54
C ASP B 259 4.44 22.47 -27.90
N LEU B 260 5.14 21.67 -28.70
CA LEU B 260 6.51 22.00 -29.06
C LEU B 260 6.58 23.32 -29.82
N ARG B 261 5.69 23.49 -30.81
CA ARG B 261 5.74 24.68 -31.64
C ARG B 261 5.35 25.93 -30.86
N ALA B 262 4.30 25.83 -30.04
CA ALA B 262 3.90 26.97 -29.22
C ALA B 262 4.96 27.31 -28.18
N ASP B 263 5.58 26.29 -27.59
CA ASP B 263 6.62 26.48 -26.58
C ASP B 263 6.08 26.98 -25.26
N GLN B 264 4.81 26.69 -24.97
CA GLN B 264 4.22 27.08 -23.70
C GLN B 264 3.00 26.20 -23.44
N GLU B 265 2.59 26.17 -22.17
CA GLU B 265 1.43 25.36 -21.78
C GLU B 265 0.17 25.86 -22.47
N LEU B 266 -0.71 24.93 -22.82
CA LEU B 266 -1.95 25.26 -23.50
C LEU B 266 -3.19 24.69 -22.82
N MET B 267 -3.04 23.89 -21.76
CA MET B 267 -4.17 23.40 -21.00
C MET B 267 -3.71 22.95 -19.63
N THR B 268 -4.62 23.08 -18.66
CA THR B 268 -4.38 22.61 -17.30
C THR B 268 -5.63 21.87 -16.85
N TYR B 269 -5.45 20.65 -16.35
CA TYR B 269 -6.54 19.81 -15.86
C TYR B 269 -6.35 19.65 -14.35
N SER B 270 -7.26 20.24 -13.58
CA SER B 270 -7.19 20.17 -12.13
C SER B 270 -8.58 20.38 -11.55
N HIS B 271 -8.74 19.99 -10.29
CA HIS B 271 -10.00 20.15 -9.59
C HIS B 271 -9.74 20.34 -8.10
N ASP B 272 -10.65 21.03 -7.43
CA ASP B 272 -10.48 21.28 -5.99
C ASP B 272 -10.52 19.97 -5.20
N ASN B 273 -11.44 19.07 -5.56
CA ASN B 273 -11.54 17.81 -4.84
C ASN B 273 -10.27 16.97 -5.01
N ILE B 274 -9.69 16.98 -6.20
CA ILE B 274 -8.50 16.19 -6.47
C ILE B 274 -7.32 16.78 -5.69
N ILE B 275 -6.76 15.99 -4.79
CA ILE B 275 -5.61 16.41 -4.00
C ILE B 275 -4.37 15.58 -4.29
N CYS B 276 -4.50 14.38 -4.86
CA CYS B 276 -3.38 13.51 -5.12
C CYS B 276 -2.71 13.86 -6.45
N GLY B 277 -1.47 13.41 -6.60
CA GLY B 277 -0.71 13.65 -7.81
C GLY B 277 -1.04 12.66 -8.91
N ILE B 278 -0.29 12.76 -10.00
CA ILE B 278 -0.47 11.92 -11.18
C ILE B 278 0.79 11.08 -11.36
N THR B 279 0.59 9.77 -11.53
CA THR B 279 1.70 8.83 -11.68
C THR B 279 1.94 8.42 -13.13
N SER B 280 0.88 8.22 -13.91
CA SER B 280 1.00 7.82 -15.30
C SER B 280 -0.07 8.51 -16.13
N VAL B 281 0.29 8.90 -17.35
CA VAL B 281 -0.64 9.55 -18.27
C VAL B 281 -0.51 8.89 -19.64
N SER B 282 -1.59 8.95 -20.42
CA SER B 282 -1.61 8.42 -21.76
C SER B 282 -2.68 9.16 -22.57
N PHE B 283 -2.52 9.15 -23.89
CA PHE B 283 -3.50 9.70 -24.81
C PHE B 283 -4.19 8.57 -25.57
N SER B 284 -5.31 8.91 -26.19
CA SER B 284 -6.05 7.97 -27.02
C SER B 284 -5.66 8.17 -28.48
N LYS B 285 -6.26 7.35 -29.35
CA LYS B 285 -5.84 7.31 -30.75
C LYS B 285 -6.17 8.61 -31.50
N SER B 286 -7.17 9.36 -31.06
CA SER B 286 -7.41 10.71 -31.56
C SER B 286 -6.60 11.75 -30.81
N GLY B 287 -6.60 11.68 -29.48
CA GLY B 287 -6.04 12.73 -28.65
C GLY B 287 -7.13 13.45 -27.87
N ARG B 288 -8.34 12.91 -27.92
CA ARG B 288 -9.51 13.48 -27.27
C ARG B 288 -9.75 12.88 -25.89
N LEU B 289 -8.92 11.91 -25.48
CA LEU B 289 -9.15 11.21 -24.22
C LEU B 289 -7.80 11.11 -23.51
N LEU B 290 -7.52 12.06 -22.61
CA LEU B 290 -6.30 12.05 -21.83
C LEU B 290 -6.58 11.25 -20.56
N LEU B 291 -6.08 10.02 -20.51
CA LEU B 291 -6.24 9.17 -19.34
C LEU B 291 -5.06 9.36 -18.40
N ALA B 292 -5.34 9.31 -17.10
CA ALA B 292 -4.34 9.69 -16.11
C ALA B 292 -4.59 8.91 -14.82
N GLY B 293 -3.54 8.28 -14.30
CA GLY B 293 -3.63 7.66 -13.00
C GLY B 293 -3.48 8.66 -11.87
N TYR B 294 -4.00 8.30 -10.71
CA TYR B 294 -3.96 9.15 -9.53
C TYR B 294 -3.70 8.29 -8.30
N ASP B 295 -3.12 8.91 -7.27
CA ASP B 295 -2.86 8.21 -6.03
C ASP B 295 -4.12 7.91 -5.24
N ASP B 296 -5.26 8.46 -5.65
CA ASP B 296 -6.55 8.19 -5.00
C ASP B 296 -7.09 6.79 -5.32
N PHE B 297 -6.31 5.93 -6.00
CA PHE B 297 -6.64 4.55 -6.27
C PHE B 297 -7.64 4.39 -7.41
N ASN B 298 -7.82 5.42 -8.24
CA ASN B 298 -8.71 5.33 -9.38
C ASN B 298 -8.17 6.22 -10.50
N CYS B 299 -8.36 5.77 -11.73
CA CYS B 299 -7.90 6.51 -12.89
C CYS B 299 -9.00 7.46 -13.38
N ASN B 300 -8.59 8.54 -14.03
CA ASN B 300 -9.53 9.53 -14.55
C ASN B 300 -9.18 9.84 -16.00
N VAL B 301 -10.20 9.87 -16.85
CA VAL B 301 -10.03 10.19 -18.27
C VAL B 301 -10.73 11.51 -18.52
N TRP B 302 -9.98 12.48 -19.07
CA TRP B 302 -10.48 13.82 -19.29
C TRP B 302 -10.56 14.13 -20.77
N ASP B 303 -11.43 15.07 -21.12
CA ASP B 303 -11.54 15.59 -22.47
C ASP B 303 -10.40 16.56 -22.71
N ALA B 304 -9.43 16.15 -23.53
CA ALA B 304 -8.22 16.95 -23.70
C ALA B 304 -8.49 18.30 -24.35
N LEU B 305 -9.64 18.46 -25.01
CA LEU B 305 -9.92 19.71 -25.71
C LEU B 305 -10.71 20.71 -24.87
N LYS B 306 -11.58 20.22 -23.97
CA LYS B 306 -12.43 21.09 -23.17
C LYS B 306 -12.10 21.03 -21.68
N ALA B 307 -11.13 20.21 -21.27
CA ALA B 307 -10.75 20.09 -19.87
C ALA B 307 -11.93 19.68 -19.00
N ASP B 308 -12.88 18.94 -19.58
CA ASP B 308 -14.05 18.45 -18.87
C ASP B 308 -13.86 16.98 -18.53
N ARG B 309 -14.00 16.65 -17.25
CA ARG B 309 -13.86 15.26 -16.82
C ARG B 309 -14.81 14.37 -17.60
N ALA B 310 -14.26 13.37 -18.27
CA ALA B 310 -15.04 12.51 -19.16
C ALA B 310 -15.45 11.19 -18.52
N GLY B 311 -14.59 10.61 -17.69
CA GLY B 311 -14.93 9.35 -17.04
C GLY B 311 -13.96 9.03 -15.93
N VAL B 312 -14.37 8.09 -15.08
CA VAL B 312 -13.57 7.65 -13.94
C VAL B 312 -13.58 6.13 -13.91
N LEU B 313 -12.39 5.52 -13.91
CA LEU B 313 -12.24 4.10 -13.67
C LEU B 313 -11.95 3.93 -12.19
N ALA B 314 -12.97 3.53 -11.42
CA ALA B 314 -12.91 3.49 -9.98
C ALA B 314 -12.58 2.11 -9.42
N GLY B 315 -12.31 1.13 -10.28
CA GLY B 315 -12.00 -0.20 -9.79
C GLY B 315 -10.52 -0.40 -9.55
N HIS B 316 -10.10 -0.21 -8.30
CA HIS B 316 -8.72 -0.45 -7.90
C HIS B 316 -8.62 -0.28 -6.39
N ASP B 317 -7.82 -1.12 -5.74
CA ASP B 317 -7.68 -1.10 -4.30
C ASP B 317 -6.49 -0.27 -3.80
N ASN B 318 -5.56 0.07 -4.68
CA ASN B 318 -4.37 0.82 -4.29
C ASN B 318 -3.98 1.77 -5.41
N ARG B 319 -2.88 2.48 -5.20
CA ARG B 319 -2.44 3.49 -6.15
C ARG B 319 -2.20 2.88 -7.52
N VAL B 320 -2.76 3.52 -8.55
CA VAL B 320 -2.50 3.11 -9.93
C VAL B 320 -1.14 3.64 -10.34
N SER B 321 -0.28 2.74 -10.81
CA SER B 321 1.10 3.08 -11.14
C SER B 321 1.32 3.25 -12.63
N CYS B 322 0.89 2.27 -13.43
CA CYS B 322 1.19 2.20 -14.85
C CYS B 322 -0.08 2.20 -15.68
N LEU B 323 -0.06 2.96 -16.78
CA LEU B 323 -1.21 3.10 -17.66
C LEU B 323 -0.75 2.85 -19.09
N GLY B 324 -1.55 2.13 -19.86
CA GLY B 324 -1.21 1.83 -21.24
C GLY B 324 -2.43 1.81 -22.12
N VAL B 325 -2.23 2.20 -23.37
CA VAL B 325 -3.26 2.19 -24.40
C VAL B 325 -2.71 1.45 -25.61
N THR B 326 -3.51 0.55 -26.17
CA THR B 326 -3.06 -0.24 -27.31
C THR B 326 -2.80 0.68 -28.51
N ASP B 327 -2.02 0.17 -29.47
CA ASP B 327 -1.69 0.95 -30.65
C ASP B 327 -2.94 1.39 -31.40
N ASP B 328 -3.97 0.54 -31.42
CA ASP B 328 -5.23 0.85 -32.08
C ASP B 328 -6.27 1.46 -31.14
N GLY B 329 -5.91 1.67 -29.87
CA GLY B 329 -6.85 2.22 -28.92
C GLY B 329 -8.04 1.34 -28.64
N MET B 330 -7.89 0.01 -28.73
CA MET B 330 -9.01 -0.89 -28.52
C MET B 330 -9.35 -1.06 -27.04
N ALA B 331 -8.35 -1.02 -26.15
CA ALA B 331 -8.57 -1.21 -24.73
C ALA B 331 -7.54 -0.41 -23.96
N VAL B 332 -7.85 -0.14 -22.70
CA VAL B 332 -6.95 0.58 -21.80
C VAL B 332 -6.56 -0.34 -20.66
N ALA B 333 -5.27 -0.50 -20.42
CA ALA B 333 -4.78 -1.41 -19.38
C ALA B 333 -4.17 -0.60 -18.25
N THR B 334 -4.60 -0.92 -17.03
CA THR B 334 -4.20 -0.19 -15.82
C THR B 334 -3.57 -1.17 -14.84
N GLY B 335 -2.40 -0.81 -14.32
CA GLY B 335 -1.74 -1.61 -13.31
C GLY B 335 -1.44 -0.80 -12.06
N SER B 336 -1.93 -1.28 -10.93
CA SER B 336 -1.86 -0.57 -9.66
C SER B 336 -1.01 -1.38 -8.67
N TRP B 337 -0.99 -0.91 -7.42
CA TRP B 337 -0.19 -1.56 -6.39
C TRP B 337 -0.89 -2.73 -5.72
N ASP B 338 -2.10 -3.08 -6.18
CA ASP B 338 -2.81 -4.24 -5.67
C ASP B 338 -2.47 -5.51 -6.44
N SER B 339 -1.39 -5.50 -7.23
CA SER B 339 -0.93 -6.67 -7.96
C SER B 339 -2.01 -7.21 -8.90
N PHE B 340 -2.81 -6.30 -9.46
CA PHE B 340 -3.83 -6.66 -10.44
C PHE B 340 -3.76 -5.69 -11.60
N LEU B 341 -3.62 -6.23 -12.81
CA LEU B 341 -3.84 -5.44 -14.02
C LEU B 341 -5.28 -5.62 -14.49
N LYS B 342 -5.86 -4.53 -15.00
CA LYS B 342 -7.24 -4.53 -15.42
C LYS B 342 -7.35 -3.92 -16.81
N ILE B 343 -8.09 -4.60 -17.68
CA ILE B 343 -8.34 -4.15 -19.05
C ILE B 343 -9.74 -3.56 -19.10
N TRP B 344 -9.84 -2.31 -19.52
CA TRP B 344 -11.08 -1.57 -19.57
C TRP B 344 -11.43 -1.28 -21.03
N ASN B 345 -12.71 -1.46 -21.36
CA ASN B 345 -13.20 -1.15 -22.70
C ASN B 345 -14.64 -0.68 -22.60
N GLY B 346 -15.06 0.09 -23.60
CA GLY B 346 -16.39 0.64 -23.64
C GLY B 346 -17.40 -0.35 -24.20
N SER B 347 -18.61 0.16 -24.42
CA SER B 347 -19.70 -0.64 -24.94
C SER B 347 -20.38 0.06 -26.11
N ILE C 8 30.65 28.39 -11.87
CA ILE C 8 31.52 29.20 -12.77
C ILE C 8 31.21 28.83 -14.22
N ALA C 9 31.64 27.64 -14.64
CA ALA C 9 31.37 27.17 -15.99
C ALA C 9 30.01 26.50 -16.11
N GLN C 10 29.32 26.25 -15.00
CA GLN C 10 27.93 25.81 -15.05
C GLN C 10 26.97 26.96 -15.29
N ALA C 11 27.42 28.21 -15.12
CA ALA C 11 26.62 29.36 -15.50
C ALA C 11 26.77 29.68 -16.98
N ARG C 12 27.98 29.52 -17.52
CA ARG C 12 28.20 29.71 -18.95
C ARG C 12 27.38 28.72 -19.76
N LYS C 13 27.36 27.46 -19.33
CA LYS C 13 26.59 26.45 -20.06
C LYS C 13 25.10 26.76 -20.02
N LEU C 14 24.60 27.22 -18.87
CA LEU C 14 23.18 27.55 -18.78
C LEU C 14 22.85 28.77 -19.62
N VAL C 15 23.74 29.76 -19.65
CA VAL C 15 23.54 30.91 -20.52
C VAL C 15 23.43 30.44 -21.97
N GLU C 16 24.32 29.53 -22.38
CA GLU C 16 24.29 29.04 -23.76
C GLU C 16 22.99 28.30 -24.03
N GLN C 17 22.58 27.43 -23.11
CA GLN C 17 21.35 26.67 -23.28
C GLN C 17 20.12 27.54 -23.21
N LEU C 18 20.24 28.76 -22.67
CA LEU C 18 19.16 29.73 -22.67
C LEU C 18 19.16 30.62 -23.92
N LYS C 19 20.30 30.74 -24.61
CA LYS C 19 20.32 31.35 -25.93
C LYS C 19 19.83 30.40 -27.01
N MET C 20 20.27 29.14 -26.96
CA MET C 20 19.76 28.14 -27.90
C MET C 20 18.25 28.08 -27.85
N GLU C 21 17.68 28.15 -26.65
CA GLU C 21 16.22 28.07 -26.49
C GLU C 21 15.53 29.40 -26.81
N ALA C 22 16.25 30.50 -26.81
CA ALA C 22 15.68 31.81 -27.14
C ALA C 22 15.86 32.18 -28.60
N ASN C 23 16.59 31.38 -29.38
CA ASN C 23 16.79 31.66 -30.80
C ASN C 23 16.04 30.67 -31.69
N ILE C 24 15.06 29.96 -31.15
CA ILE C 24 14.28 28.99 -31.92
C ILE C 24 13.05 29.69 -32.49
N ASP C 25 12.60 29.20 -33.65
CA ASP C 25 11.40 29.72 -34.27
C ASP C 25 10.16 29.26 -33.50
N ARG C 26 9.17 30.15 -33.39
CA ARG C 26 7.93 29.85 -32.70
C ARG C 26 6.76 30.35 -33.55
N ILE C 27 5.60 29.72 -33.33
CA ILE C 27 4.40 30.04 -34.09
C ILE C 27 3.32 30.52 -33.12
N LYS C 28 2.24 31.06 -33.68
CA LYS C 28 1.14 31.58 -32.89
C LYS C 28 0.45 30.46 -32.14
N VAL C 29 -0.08 30.80 -30.95
CA VAL C 29 -0.70 29.79 -30.09
C VAL C 29 -2.00 29.29 -30.71
N SER C 30 -2.84 30.19 -31.21
CA SER C 30 -4.08 29.76 -31.82
C SER C 30 -3.85 28.96 -33.10
N LYS C 31 -2.65 28.99 -33.65
CA LYS C 31 -2.28 28.19 -34.81
C LYS C 31 -1.68 26.84 -34.42
N ALA C 32 -1.22 26.69 -33.17
CA ALA C 32 -0.81 25.40 -32.64
C ALA C 32 -1.90 24.78 -31.77
N ALA C 33 -3.01 25.50 -31.60
CA ALA C 33 -4.15 25.07 -30.82
C ALA C 33 -5.29 24.53 -31.66
N ALA C 34 -5.47 25.09 -32.86
CA ALA C 34 -6.44 24.61 -33.83
C ALA C 34 -5.83 23.60 -34.79
N ASP C 35 -4.70 23.01 -34.42
CA ASP C 35 -4.09 21.92 -35.18
C ASP C 35 -4.17 20.58 -34.47
N LEU C 36 -3.89 20.53 -33.17
CA LEU C 36 -4.30 19.39 -32.37
C LEU C 36 -5.81 19.22 -32.37
N MET C 37 -6.57 20.27 -32.69
CA MET C 37 -8.00 20.19 -32.91
C MET C 37 -8.34 19.46 -34.20
N ALA C 38 -7.69 19.84 -35.31
CA ALA C 38 -7.95 19.15 -36.58
C ALA C 38 -7.45 17.72 -36.55
N TYR C 39 -6.33 17.47 -35.86
CA TYR C 39 -5.86 16.10 -35.69
C TYR C 39 -6.85 15.28 -34.87
N CYS C 40 -7.44 15.88 -33.84
CA CYS C 40 -8.44 15.18 -33.05
C CYS C 40 -9.72 14.94 -33.84
N GLU C 41 -10.08 15.86 -34.72
CA GLU C 41 -11.31 15.73 -35.48
C GLU C 41 -11.17 14.74 -36.63
N ALA C 42 -10.00 14.68 -37.25
CA ALA C 42 -9.78 13.82 -38.41
C ALA C 42 -9.52 12.36 -38.02
N HIS C 43 -9.37 12.07 -36.73
CA HIS C 43 -9.11 10.72 -36.24
C HIS C 43 -10.03 10.42 -35.06
N ALA C 44 -11.30 10.77 -35.19
CA ALA C 44 -12.28 10.60 -34.12
C ALA C 44 -13.30 9.51 -34.39
N LYS C 45 -13.42 9.05 -35.64
CA LYS C 45 -14.31 7.95 -35.98
C LYS C 45 -13.61 6.60 -35.92
N GLU C 46 -12.33 6.58 -35.56
CA GLU C 46 -11.52 5.36 -35.50
C GLU C 46 -11.00 5.08 -34.10
N ASP C 47 -11.61 5.67 -33.06
CA ASP C 47 -11.14 5.50 -31.69
C ASP C 47 -12.09 4.59 -30.93
N PRO C 48 -11.69 3.35 -30.60
CA PRO C 48 -12.62 2.44 -29.90
C PRO C 48 -13.01 2.90 -28.50
N LEU C 49 -12.28 3.84 -27.89
CA LEU C 49 -12.57 4.24 -26.52
C LEU C 49 -13.36 5.56 -26.43
N LEU C 50 -13.42 6.32 -27.51
CA LEU C 50 -14.28 7.51 -27.59
C LEU C 50 -15.58 7.20 -28.31
N THR C 51 -15.50 6.57 -29.47
CA THR C 51 -16.65 6.00 -30.16
C THR C 51 -16.56 4.48 -30.06
N PRO C 52 -17.20 3.84 -29.08
CA PRO C 52 -17.01 2.39 -28.91
C PRO C 52 -17.40 1.60 -30.14
N VAL C 53 -16.65 0.53 -30.39
CA VAL C 53 -16.91 -0.39 -31.49
C VAL C 53 -18.03 -1.35 -31.04
N PRO C 54 -18.92 -1.77 -31.92
CA PRO C 54 -19.95 -2.75 -31.51
C PRO C 54 -19.32 -4.02 -30.97
N ALA C 55 -20.18 -4.85 -30.37
CA ALA C 55 -19.74 -6.09 -29.72
C ALA C 55 -19.54 -7.24 -30.72
N SER C 56 -19.45 -6.94 -32.01
CA SER C 56 -19.17 -7.96 -33.03
C SER C 56 -17.75 -7.88 -33.56
N GLU C 57 -17.20 -6.68 -33.70
CA GLU C 57 -15.80 -6.49 -34.08
C GLU C 57 -14.91 -6.21 -32.88
N ASN C 58 -15.45 -6.22 -31.67
CA ASN C 58 -14.65 -5.92 -30.48
C ASN C 58 -13.88 -7.15 -30.05
N PRO C 59 -12.54 -7.12 -30.07
CA PRO C 59 -11.79 -8.30 -29.60
C PRO C 59 -11.96 -8.60 -28.13
N PHE C 60 -12.40 -7.64 -27.33
CA PHE C 60 -12.53 -7.79 -25.88
C PHE C 60 -13.99 -7.95 -25.46
N ARG C 61 -14.78 -8.64 -26.28
CA ARG C 61 -16.18 -8.87 -25.97
C ARG C 61 -16.31 -9.71 -24.70
N GLN D 1 9.57 29.54 -13.99
CA GLN D 1 8.33 29.89 -13.27
C GLN D 1 8.58 29.96 -11.76
N VAL D 2 8.80 28.79 -11.15
CA VAL D 2 9.09 28.74 -9.72
C VAL D 2 10.32 29.58 -9.43
N GLN D 3 10.20 30.48 -8.46
CA GLN D 3 11.30 31.37 -8.11
C GLN D 3 11.15 31.80 -6.66
N LEU D 4 12.20 31.58 -5.87
CA LEU D 4 12.28 32.04 -4.48
C LEU D 4 13.43 33.03 -4.38
N GLN D 5 13.11 34.26 -3.99
CA GLN D 5 14.10 35.33 -3.86
C GLN D 5 14.16 35.79 -2.41
N GLU D 6 15.35 35.80 -1.84
CA GLU D 6 15.56 36.22 -0.46
C GLU D 6 16.07 37.65 -0.42
N SER D 7 15.60 38.40 0.58
CA SER D 7 15.96 39.81 0.74
C SER D 7 16.39 40.06 2.18
N GLY D 8 17.36 40.94 2.34
CA GLY D 8 17.96 41.24 3.62
C GLY D 8 19.40 40.75 3.69
N GLY D 9 20.05 41.09 4.81
CA GLY D 9 21.41 40.69 5.05
C GLY D 9 22.30 41.88 5.38
N GLY D 10 23.57 41.76 5.04
CA GLY D 10 24.55 42.78 5.31
C GLY D 10 25.29 42.56 6.62
N LEU D 11 26.40 43.27 6.77
CA LEU D 11 27.24 43.12 7.95
C LEU D 11 26.52 43.66 9.18
N VAL D 12 26.66 42.95 10.30
CA VAL D 12 26.06 43.34 11.57
C VAL D 12 27.03 42.98 12.69
N GLN D 13 27.05 43.82 13.73
CA GLN D 13 27.88 43.51 14.88
C GLN D 13 27.22 42.44 15.73
N PRO D 14 28.00 41.67 16.50
CA PRO D 14 27.39 40.60 17.31
C PRO D 14 26.34 41.17 18.25
N GLY D 15 25.19 40.50 18.29
CA GLY D 15 24.09 40.92 19.15
C GLY D 15 23.06 41.81 18.51
N GLY D 16 23.10 41.99 17.20
CA GLY D 16 22.14 42.84 16.51
C GLY D 16 20.82 42.13 16.27
N SER D 17 19.94 42.83 15.55
CA SER D 17 18.61 42.30 15.23
C SER D 17 18.27 42.65 13.79
N LEU D 18 17.90 41.64 13.01
CA LEU D 18 17.60 41.79 11.59
C LEU D 18 16.32 41.03 11.25
N ARG D 19 15.86 41.22 10.01
CA ARG D 19 14.68 40.51 9.51
C ARG D 19 14.92 40.18 8.04
N LEU D 20 14.83 38.89 7.71
CA LEU D 20 15.04 38.41 6.35
C LEU D 20 13.70 38.02 5.73
N SER D 21 13.47 38.48 4.51
CA SER D 21 12.23 38.23 3.78
C SER D 21 12.49 37.23 2.66
N CYS D 22 11.42 36.54 2.26
CA CYS D 22 11.49 35.50 1.24
C CYS D 22 10.24 35.59 0.38
N ALA D 23 10.40 36.03 -0.87
CA ALA D 23 9.30 36.13 -1.81
C ALA D 23 9.29 34.92 -2.71
N ALA D 24 8.10 34.37 -2.95
CA ALA D 24 7.93 33.17 -3.75
C ALA D 24 6.95 33.44 -4.88
N SER D 25 7.23 32.89 -6.05
CA SER D 25 6.37 33.03 -7.21
C SER D 25 6.36 31.74 -8.02
N GLY D 26 5.19 31.42 -8.57
CA GLY D 26 5.05 30.24 -9.41
C GLY D 26 4.09 29.22 -8.87
N PHE D 27 4.13 28.98 -7.57
CA PHE D 27 3.26 28.02 -6.90
C PHE D 27 2.32 28.76 -5.96
N THR D 28 1.50 27.98 -5.25
CA THR D 28 0.61 28.52 -4.24
C THR D 28 1.32 28.49 -2.89
N PHE D 29 1.53 29.68 -2.31
CA PHE D 29 2.30 29.78 -1.08
C PHE D 29 1.67 28.99 0.06
N SER D 30 0.35 28.82 0.05
CA SER D 30 -0.33 28.27 1.20
C SER D 30 -0.13 26.76 1.35
N ASN D 31 -0.24 26.01 0.24
CA ASN D 31 -0.25 24.56 0.33
C ASN D 31 1.11 23.97 0.69
N TYR D 32 2.18 24.76 0.69
CA TYR D 32 3.52 24.25 0.83
C TYR D 32 4.10 24.61 2.20
N LYS D 33 4.57 23.59 2.91
CA LYS D 33 5.31 23.80 4.15
C LYS D 33 6.72 24.27 3.81
N MET D 34 7.13 25.41 4.37
CA MET D 34 8.39 26.03 3.99
C MET D 34 9.35 26.03 5.18
N ASN D 35 10.64 26.13 4.88
CA ASN D 35 11.70 26.06 5.89
C ASN D 35 12.69 27.18 5.66
N TRP D 36 13.75 27.16 6.46
CA TRP D 36 14.93 27.99 6.25
C TRP D 36 16.18 27.13 6.38
N VAL D 37 17.15 27.35 5.49
CA VAL D 37 18.39 26.60 5.48
C VAL D 37 19.53 27.61 5.54
N ARG D 38 20.72 27.15 5.94
CA ARG D 38 21.89 28.00 5.89
C ARG D 38 23.13 27.18 5.60
N GLN D 39 23.96 27.67 4.69
CA GLN D 39 25.26 27.10 4.40
C GLN D 39 26.33 28.03 4.98
N ALA D 40 27.16 27.51 5.88
CA ALA D 40 28.16 28.31 6.55
C ALA D 40 29.55 27.97 6.04
N PRO D 41 30.46 28.94 5.97
CA PRO D 41 31.82 28.65 5.47
C PRO D 41 32.43 27.43 6.17
N GLY D 42 32.92 26.49 5.37
CA GLY D 42 33.51 25.28 5.90
C GLY D 42 32.52 24.26 6.42
N LYS D 43 31.23 24.49 6.22
CA LYS D 43 30.18 23.60 6.69
C LYS D 43 29.18 23.35 5.57
N GLY D 44 28.26 22.42 5.82
CA GLY D 44 27.22 22.08 4.87
C GLY D 44 25.89 22.75 5.19
N LEU D 45 24.91 22.46 4.34
CA LEU D 45 23.57 23.00 4.54
C LEU D 45 23.00 22.52 5.87
N GLU D 46 22.43 23.43 6.63
CA GLU D 46 21.88 23.13 7.95
C GLU D 46 20.43 23.56 8.01
N TRP D 47 19.59 22.72 8.60
CA TRP D 47 18.16 22.96 8.69
C TRP D 47 17.88 23.88 9.87
N VAL D 48 17.41 25.10 9.61
CA VAL D 48 17.20 26.10 10.64
C VAL D 48 15.87 25.88 11.33
N SER D 49 14.78 26.03 10.59
CA SER D 49 13.45 26.01 11.19
C SER D 49 12.43 25.81 10.09
N ASP D 50 11.19 25.53 10.49
CA ASP D 50 10.12 25.27 9.55
C ASP D 50 8.84 25.96 9.99
N ILE D 51 7.93 26.11 9.02
CA ILE D 51 6.57 26.59 9.27
C ILE D 51 5.65 25.92 8.26
N SER D 52 4.46 25.54 8.73
CA SER D 52 3.54 24.74 7.95
C SER D 52 2.55 25.62 7.20
N GLN D 53 1.64 24.98 6.47
CA GLN D 53 0.65 25.71 5.68
C GLN D 53 -0.18 26.64 6.56
N SER D 54 -0.73 26.11 7.66
CA SER D 54 -1.54 26.94 8.56
C SER D 54 -0.69 27.95 9.31
N GLY D 55 0.55 27.60 9.63
CA GLY D 55 1.42 28.45 10.42
C GLY D 55 1.30 28.27 11.91
N ALA D 56 0.45 27.35 12.37
CA ALA D 56 0.27 27.09 13.79
C ALA D 56 1.24 26.04 14.34
N SER D 57 2.11 25.48 13.49
CA SER D 57 3.10 24.51 13.91
C SER D 57 4.48 24.98 13.47
N ILE D 58 5.41 25.04 14.42
CA ILE D 58 6.74 25.56 14.17
C ILE D 58 7.77 24.64 14.84
N SER D 59 8.98 24.65 14.29
CA SER D 59 10.10 23.95 14.90
C SER D 59 11.38 24.68 14.53
N TYR D 60 12.30 24.76 15.50
CA TYR D 60 13.58 25.43 15.35
C TYR D 60 14.71 24.47 15.70
N THR D 61 15.88 24.71 15.13
CA THR D 61 17.09 24.09 15.62
C THR D 61 17.53 24.81 16.89
N GLY D 62 17.89 24.05 17.92
CA GLY D 62 18.15 24.65 19.21
C GLY D 62 19.23 25.72 19.18
N SER D 63 20.13 25.64 18.20
CA SER D 63 21.18 26.64 18.10
C SER D 63 20.63 28.02 17.82
N VAL D 64 19.46 28.11 17.17
CA VAL D 64 18.85 29.40 16.85
C VAL D 64 17.54 29.56 17.61
N LYS D 65 17.36 28.79 18.68
CA LYS D 65 16.16 28.86 19.50
C LYS D 65 16.31 29.92 20.58
N GLY D 66 15.20 30.59 20.89
CA GLY D 66 15.19 31.71 21.80
C GLY D 66 15.69 33.00 21.17
N ARG D 67 16.16 32.94 19.93
CA ARG D 67 16.83 34.05 19.27
C ARG D 67 16.18 34.44 17.95
N PHE D 68 15.82 33.46 17.12
CA PHE D 68 15.25 33.70 15.80
C PHE D 68 13.80 33.22 15.80
N THR D 69 12.97 33.80 14.94
CA THR D 69 11.58 33.36 14.83
C THR D 69 11.13 33.33 13.37
N ILE D 70 10.13 32.50 13.09
CA ILE D 70 9.65 32.24 11.73
C ILE D 70 8.18 32.66 11.66
N SER D 71 7.81 33.35 10.58
CA SER D 71 6.44 33.72 10.32
C SER D 71 6.16 33.60 8.83
N ARG D 72 4.88 33.40 8.51
CA ARG D 72 4.43 33.27 7.13
C ARG D 72 3.30 34.26 6.86
N ASP D 73 3.23 34.73 5.62
CA ASP D 73 2.18 35.61 5.14
C ASP D 73 1.73 35.04 3.80
N ASN D 74 0.71 34.18 3.86
CA ASN D 74 0.20 33.55 2.65
C ASN D 74 -0.37 34.58 1.68
N ALA D 75 -1.05 35.61 2.21
CA ALA D 75 -1.60 36.64 1.34
C ALA D 75 -0.51 37.42 0.63
N LYS D 76 0.61 37.71 1.30
CA LYS D 76 1.74 38.37 0.69
C LYS D 76 2.66 37.40 -0.03
N ASN D 77 2.38 36.09 0.05
CA ASN D 77 3.25 35.07 -0.55
C ASN D 77 4.68 35.21 -0.04
N THR D 78 4.82 35.57 1.23
CA THR D 78 6.12 35.97 1.77
C THR D 78 6.39 35.31 3.10
N LEU D 79 7.61 34.80 3.26
CA LEU D 79 8.08 34.23 4.52
C LEU D 79 9.01 35.22 5.19
N TYR D 80 8.97 35.27 6.52
CA TYR D 80 9.80 36.20 7.29
C TYR D 80 10.53 35.44 8.39
N LEU D 81 11.79 35.81 8.62
CA LEU D 81 12.57 35.25 9.72
C LEU D 81 13.25 36.38 10.46
N GLN D 82 12.95 36.51 11.75
CA GLN D 82 13.62 37.46 12.62
C GLN D 82 14.89 36.84 13.21
N MET D 83 15.93 37.67 13.27
CA MET D 83 17.22 37.33 13.84
C MET D 83 17.43 38.25 15.04
N ASN D 84 17.63 37.67 16.22
CA ASN D 84 17.91 38.43 17.42
C ASN D 84 19.05 37.76 18.17
N SER D 85 19.79 38.56 18.94
CA SER D 85 20.97 38.06 19.66
C SER D 85 21.94 37.37 18.72
N LEU D 86 22.12 37.92 17.52
CA LEU D 86 22.94 37.27 16.51
C LEU D 86 24.37 37.07 17.04
N LYS D 87 24.91 35.89 16.78
CA LYS D 87 26.26 35.51 17.17
C LYS D 87 27.15 35.38 15.95
N PRO D 88 28.47 35.52 16.11
CA PRO D 88 29.37 35.39 14.97
C PRO D 88 29.30 34.02 14.32
N GLU D 89 28.93 32.99 15.07
CA GLU D 89 28.84 31.62 14.56
C GLU D 89 27.55 31.36 13.81
N ASP D 90 26.79 32.41 13.51
CA ASP D 90 25.55 32.34 12.75
C ASP D 90 25.67 33.14 11.46
N THR D 91 26.85 33.11 10.85
CA THR D 91 27.15 33.84 9.62
C THR D 91 27.19 32.85 8.47
N ALA D 92 26.35 33.07 7.47
CA ALA D 92 26.19 32.06 6.42
C ALA D 92 25.30 32.61 5.30
N VAL D 93 25.21 31.84 4.22
CA VAL D 93 24.26 32.09 3.15
C VAL D 93 22.96 31.39 3.52
N TYR D 94 21.91 32.16 3.74
CA TYR D 94 20.61 31.61 4.14
C TYR D 94 19.75 31.41 2.90
N TYR D 95 19.17 30.21 2.78
CA TYR D 95 18.35 29.81 1.66
C TYR D 95 16.91 29.59 2.10
N CYS D 96 15.99 29.90 1.19
CA CYS D 96 14.56 29.67 1.38
C CYS D 96 14.14 28.44 0.59
N ALA D 97 13.52 27.48 1.26
CA ALA D 97 13.17 26.20 0.67
C ALA D 97 11.73 25.84 1.01
N ARG D 98 11.12 25.03 0.13
CA ARG D 98 9.77 24.53 0.35
C ARG D 98 9.77 23.01 0.20
N CYS D 99 8.77 22.39 0.81
CA CYS D 99 8.68 20.93 0.78
C CYS D 99 8.27 20.47 -0.62
N PRO D 100 8.86 19.38 -1.14
CA PRO D 100 8.66 19.03 -2.55
C PRO D 100 7.20 19.07 -3.02
N ALA D 101 6.30 18.41 -2.30
CA ALA D 101 4.92 18.26 -2.71
C ALA D 101 3.98 19.08 -1.83
N PRO D 102 2.80 19.43 -2.32
CA PRO D 102 1.83 20.16 -1.50
C PRO D 102 0.90 19.23 -0.74
N PHE D 103 0.23 19.81 0.25
CA PHE D 103 -0.64 19.05 1.15
C PHE D 103 0.11 17.86 1.73
N THR D 104 1.38 18.05 2.02
CA THR D 104 2.28 16.98 2.43
C THR D 104 3.02 17.38 3.70
N ARG D 105 3.14 16.43 4.63
CA ARG D 105 3.79 16.68 5.91
C ARG D 105 5.26 16.27 5.94
N ASP D 106 5.76 15.63 4.88
CA ASP D 106 7.15 15.19 4.83
C ASP D 106 7.92 16.00 3.79
N CYS D 107 9.18 16.32 4.13
CA CYS D 107 10.06 17.10 3.27
C CYS D 107 11.44 16.44 3.32
N PHE D 108 11.70 15.58 2.34
CA PHE D 108 12.90 14.74 2.39
C PHE D 108 14.16 15.50 1.99
N ASP D 109 14.20 16.00 0.75
CA ASP D 109 15.43 16.49 0.15
C ASP D 109 15.61 18.01 0.32
N VAL D 110 14.99 18.61 1.33
CA VAL D 110 15.15 20.05 1.53
C VAL D 110 16.60 20.41 1.82
N THR D 111 17.40 19.47 2.32
CA THR D 111 18.77 19.73 2.74
C THR D 111 19.80 18.99 1.88
N SER D 112 19.48 18.79 0.60
CA SER D 112 20.39 18.11 -0.31
C SER D 112 21.37 19.10 -0.94
N THR D 113 22.43 18.55 -1.52
CA THR D 113 23.43 19.40 -2.17
C THR D 113 22.82 20.22 -3.32
N THR D 114 21.83 19.65 -4.01
CA THR D 114 21.11 20.35 -5.07
C THR D 114 19.63 20.10 -4.88
N TYR D 115 18.84 21.17 -4.92
CA TYR D 115 17.41 21.11 -4.67
C TYR D 115 16.72 22.09 -5.60
N ALA D 116 15.81 21.58 -6.43
CA ALA D 116 15.21 22.37 -7.50
C ALA D 116 14.12 23.32 -7.01
N TYR D 117 13.90 23.44 -5.71
CA TYR D 117 12.88 24.33 -5.16
C TYR D 117 13.46 25.18 -4.03
N ARG D 118 14.67 25.71 -4.23
CA ARG D 118 15.31 26.56 -3.25
C ARG D 118 15.84 27.83 -3.94
N GLY D 119 15.81 28.93 -3.21
CA GLY D 119 16.21 30.21 -3.74
C GLY D 119 17.72 30.40 -3.77
N GLN D 120 18.12 31.55 -4.32
CA GLN D 120 19.55 31.86 -4.41
C GLN D 120 20.18 31.99 -3.03
N GLY D 121 19.50 32.65 -2.10
CA GLY D 121 19.98 32.84 -0.76
C GLY D 121 20.65 34.20 -0.58
N THR D 122 20.76 34.61 0.68
CA THR D 122 21.34 35.90 1.05
C THR D 122 22.43 35.70 2.10
N GLN D 123 23.53 36.43 1.95
CA GLN D 123 24.67 36.28 2.86
C GLN D 123 24.45 37.16 4.08
N VAL D 124 24.13 36.54 5.22
CA VAL D 124 24.05 37.24 6.50
C VAL D 124 25.40 37.08 7.18
N THR D 125 26.01 38.20 7.56
CA THR D 125 27.33 38.22 8.16
C THR D 125 27.26 38.86 9.54
N VAL D 126 28.08 38.34 10.46
CA VAL D 126 28.14 38.87 11.82
C VAL D 126 29.60 38.94 12.26
N GLY E 8 -43.24 -45.38 26.29
CA GLY E 8 -43.03 -43.98 26.76
C GLY E 8 -43.95 -43.56 27.89
N CYS E 9 -43.35 -43.21 29.03
CA CYS E 9 -44.12 -42.72 30.15
C CYS E 9 -44.68 -41.34 29.83
N HIS E 10 -45.84 -41.03 30.42
CA HIS E 10 -46.48 -39.75 30.17
C HIS E 10 -45.50 -38.61 30.43
N VAL E 11 -45.71 -37.49 29.73
CA VAL E 11 -44.74 -36.39 29.73
C VAL E 11 -45.41 -35.11 30.20
N ASP E 12 -44.62 -34.05 30.35
CA ASP E 12 -45.10 -32.76 30.81
C ASP E 12 -44.81 -31.71 29.74
N SER E 13 -45.78 -30.83 29.50
CA SER E 13 -45.65 -29.85 28.42
C SER E 13 -46.10 -28.45 28.84
N ARG E 14 -46.12 -28.14 30.14
CA ARG E 14 -46.59 -26.83 30.60
C ARG E 14 -45.95 -25.70 29.82
N VAL E 15 -44.62 -25.65 29.80
CA VAL E 15 -43.90 -24.55 29.15
C VAL E 15 -43.28 -24.98 27.83
N ASP E 16 -43.38 -26.25 27.45
CA ASP E 16 -42.92 -26.70 26.15
C ASP E 16 -43.85 -26.28 25.02
N HIS E 17 -44.94 -25.59 25.32
CA HIS E 17 -45.86 -25.13 24.29
C HIS E 17 -45.54 -23.74 23.78
N LEU E 18 -44.85 -22.92 24.57
CA LEU E 18 -44.60 -21.53 24.23
C LEU E 18 -43.12 -21.20 24.06
N PHE E 19 -42.30 -21.53 25.06
CA PHE E 19 -40.92 -21.01 25.09
C PHE E 19 -40.09 -21.46 23.90
N PRO E 20 -40.00 -22.74 23.56
CA PRO E 20 -39.18 -23.15 22.42
C PRO E 20 -39.67 -22.52 21.13
N PRO E 21 -40.98 -22.52 20.88
CA PRO E 21 -41.49 -21.81 19.69
C PRO E 21 -41.07 -20.35 19.65
N SER E 22 -41.15 -19.65 20.78
CA SER E 22 -40.82 -18.23 20.80
C SER E 22 -39.34 -18.01 20.53
N LEU E 23 -38.48 -18.81 21.16
CA LEU E 23 -37.04 -18.66 20.93
C LEU E 23 -36.69 -18.98 19.47
N TYR E 24 -37.33 -20.01 18.90
CA TYR E 24 -37.08 -20.34 17.51
C TYR E 24 -37.52 -19.21 16.58
N ILE E 25 -38.68 -18.62 16.84
CA ILE E 25 -39.13 -17.49 16.04
C ILE E 25 -38.16 -16.32 16.17
N PHE E 26 -37.67 -16.06 17.39
CA PHE E 26 -36.73 -14.97 17.60
C PHE E 26 -35.45 -15.20 16.79
N VAL E 27 -34.94 -16.43 16.81
CA VAL E 27 -33.73 -16.73 16.06
C VAL E 27 -33.99 -16.58 14.56
N ILE E 28 -35.13 -17.10 14.08
CA ILE E 28 -35.46 -16.99 12.67
C ILE E 28 -35.56 -15.54 12.25
N GLY E 29 -36.00 -14.67 13.16
CA GLY E 29 -36.15 -13.26 12.84
C GLY E 29 -34.85 -12.48 12.86
N VAL E 30 -34.01 -12.74 13.86
CA VAL E 30 -32.76 -12.01 14.02
C VAL E 30 -31.55 -12.87 13.64
N GLY E 31 -31.79 -14.07 13.11
CA GLY E 31 -30.69 -14.94 12.72
C GLY E 31 -30.46 -15.00 11.22
N LEU E 32 -31.53 -15.10 10.43
CA LEU E 32 -31.38 -15.12 8.98
C LEU E 32 -30.75 -13.82 8.48
N PRO E 33 -31.24 -12.63 8.84
CA PRO E 33 -30.57 -11.39 8.40
C PRO E 33 -29.10 -11.36 8.79
N THR E 34 -28.84 -11.53 10.08
CA THR E 34 -27.49 -11.35 10.60
C THR E 34 -26.53 -12.39 10.03
N ASN E 35 -26.98 -13.65 9.92
CA ASN E 35 -26.13 -14.66 9.33
C ASN E 35 -25.87 -14.41 7.85
N CYS E 36 -26.87 -13.87 7.13
CA CYS E 36 -26.62 -13.51 5.73
C CYS E 36 -25.57 -12.41 5.63
N LEU E 37 -25.66 -11.40 6.49
CA LEU E 37 -24.64 -10.34 6.51
C LEU E 37 -23.26 -10.92 6.82
N ALA E 38 -23.20 -11.83 7.80
CA ALA E 38 -21.93 -12.44 8.15
C ALA E 38 -21.36 -13.24 6.98
N LEU E 39 -22.23 -13.96 6.27
CA LEU E 39 -21.77 -14.72 5.11
C LEU E 39 -21.20 -13.80 4.04
N TRP E 40 -21.87 -12.67 3.78
CA TRP E 40 -21.35 -11.72 2.80
C TRP E 40 -19.98 -11.21 3.22
N ALA E 41 -19.84 -10.83 4.49
CA ALA E 41 -18.55 -10.30 4.95
C ALA E 41 -17.46 -11.37 4.88
N ALA E 42 -17.80 -12.62 5.20
CA ALA E 42 -16.83 -13.71 5.10
C ALA E 42 -16.38 -13.92 3.66
N TYR E 43 -17.32 -13.86 2.71
CA TYR E 43 -16.94 -13.96 1.32
C TYR E 43 -16.04 -12.81 0.91
N ARG E 44 -16.30 -11.61 1.43
CA ARG E 44 -15.39 -10.50 1.15
C ARG E 44 -13.99 -10.80 1.68
N GLN E 45 -13.90 -11.30 2.91
CA GLN E 45 -12.61 -11.60 3.49
C GLN E 45 -11.86 -12.63 2.67
N VAL E 46 -12.54 -13.68 2.20
CA VAL E 46 -11.87 -14.63 1.33
C VAL E 46 -11.50 -13.98 0.00
N GLN E 47 -12.33 -13.04 -0.49
CA GLN E 47 -11.97 -12.31 -1.69
C GLN E 47 -10.63 -11.61 -1.54
N GLN E 48 -10.32 -11.15 -0.32
CA GLN E 48 -9.02 -10.54 -0.05
C GLN E 48 -7.96 -11.56 0.37
N ARG E 49 -8.12 -12.82 -0.02
CA ARG E 49 -7.15 -13.87 0.30
C ARG E 49 -6.83 -13.89 1.79
N ASN E 50 -7.87 -14.17 2.59
CA ASN E 50 -7.75 -14.34 4.02
C ASN E 50 -8.33 -15.70 4.37
N GLU E 51 -7.52 -16.55 5.01
CA GLU E 51 -7.98 -17.90 5.35
C GLU E 51 -9.17 -17.85 6.30
N LEU E 52 -9.17 -16.89 7.23
CA LEU E 52 -10.23 -16.82 8.22
C LEU E 52 -11.61 -16.85 7.56
N GLY E 53 -11.79 -16.07 6.49
CA GLY E 53 -13.08 -16.02 5.85
C GLY E 53 -13.59 -17.39 5.46
N VAL E 54 -12.70 -18.26 4.99
CA VAL E 54 -13.11 -19.62 4.62
C VAL E 54 -13.77 -20.31 5.79
N TYR E 55 -13.15 -20.22 6.96
CA TYR E 55 -13.76 -20.79 8.16
C TYR E 55 -15.04 -20.03 8.52
N LEU E 56 -15.05 -18.71 8.34
CA LEU E 56 -16.23 -17.93 8.67
C LEU E 56 -17.40 -18.27 7.77
N MET E 57 -17.18 -18.20 6.45
CA MET E 57 -18.24 -18.49 5.49
C MET E 57 -18.96 -19.78 5.83
N ASN E 58 -18.21 -20.88 5.90
CA ASN E 58 -18.81 -22.17 6.21
C ASN E 58 -19.67 -22.08 7.46
N LEU E 59 -19.13 -21.44 8.51
CA LEU E 59 -19.89 -21.32 9.74
C LEU E 59 -21.27 -20.72 9.48
N SER E 60 -21.31 -19.59 8.77
CA SER E 60 -22.59 -18.97 8.46
C SER E 60 -23.46 -19.94 7.67
N ILE E 61 -22.87 -20.62 6.69
CA ILE E 61 -23.64 -21.58 5.89
C ILE E 61 -24.28 -22.63 6.81
N ALA E 62 -23.55 -23.06 7.84
CA ALA E 62 -24.12 -23.98 8.79
C ALA E 62 -25.29 -23.34 9.53
N ASP E 63 -25.08 -22.12 10.05
CA ASP E 63 -26.14 -21.47 10.82
C ASP E 63 -27.38 -21.25 9.95
N LEU E 64 -27.19 -20.80 8.71
CA LEU E 64 -28.32 -20.61 7.82
C LEU E 64 -29.03 -21.92 7.53
N LEU E 65 -28.31 -23.04 7.59
CA LEU E 65 -28.94 -24.35 7.43
C LEU E 65 -29.62 -24.83 8.71
N TYR E 66 -29.30 -24.23 9.85
CA TYR E 66 -30.01 -24.50 11.09
C TYR E 66 -31.24 -23.61 11.24
N ILE E 67 -31.14 -22.36 10.79
CA ILE E 67 -32.29 -21.45 10.87
C ILE E 67 -33.33 -21.74 9.80
N CYS E 68 -32.95 -22.39 8.71
CA CYS E 68 -33.88 -22.76 7.65
C CYS E 68 -34.64 -24.04 7.96
N THR E 69 -34.39 -24.66 9.12
CA THR E 69 -35.12 -25.83 9.55
C THR E 69 -35.95 -25.58 10.80
N LEU E 70 -35.74 -24.47 11.50
CA LEU E 70 -36.45 -24.15 12.72
C LEU E 70 -37.93 -23.86 12.49
N PRO E 71 -38.35 -23.34 11.33
CA PRO E 71 -39.79 -23.16 11.11
C PRO E 71 -40.58 -24.45 11.28
N LEU E 72 -40.07 -25.55 10.73
CA LEU E 72 -40.78 -26.82 10.83
C LEU E 72 -40.81 -27.33 12.26
N TRP E 73 -39.77 -27.04 13.05
CA TRP E 73 -39.79 -27.44 14.45
C TRP E 73 -40.69 -26.55 15.29
N VAL E 74 -40.84 -25.28 14.93
CA VAL E 74 -41.88 -24.45 15.53
C VAL E 74 -43.25 -25.06 15.25
N ASP E 75 -43.47 -25.50 14.01
CA ASP E 75 -44.71 -26.20 13.68
C ASP E 75 -44.90 -27.43 14.56
N TYR E 76 -43.85 -28.24 14.68
CA TYR E 76 -43.84 -29.39 15.59
C TYR E 76 -44.32 -29.01 16.98
N PHE E 77 -43.63 -28.07 17.62
CA PHE E 77 -43.88 -27.75 19.02
C PHE E 77 -45.28 -27.15 19.20
N LEU E 78 -45.71 -26.29 18.27
CA LEU E 78 -47.00 -25.63 18.43
C LEU E 78 -48.14 -26.64 18.47
N HIS E 79 -47.98 -27.77 17.78
CA HIS E 79 -48.96 -28.86 17.83
C HIS E 79 -48.62 -29.88 18.91
N HIS E 80 -47.97 -29.45 19.99
CA HIS E 80 -47.52 -30.33 21.08
C HIS E 80 -46.91 -31.60 20.52
N ASP E 81 -45.81 -31.47 19.80
CA ASP E 81 -44.97 -32.55 19.29
C ASP E 81 -45.57 -33.27 18.09
N ASN E 82 -46.77 -32.89 17.63
CA ASN E 82 -47.45 -33.64 16.59
C ASN E 82 -46.81 -33.34 15.24
N TRP E 83 -45.96 -34.25 14.77
CA TRP E 83 -45.41 -34.15 13.43
C TRP E 83 -46.49 -34.40 12.39
N ILE E 84 -46.55 -33.53 11.38
CA ILE E 84 -47.58 -33.61 10.34
C ILE E 84 -46.92 -33.61 8.97
N HIS E 85 -45.70 -34.15 8.89
CA HIS E 85 -44.94 -34.13 7.64
C HIS E 85 -44.33 -35.47 7.26
N GLY E 86 -44.48 -36.50 8.08
CA GLY E 86 -44.02 -37.83 7.73
C GLY E 86 -42.56 -38.07 8.06
N PRO E 87 -42.16 -39.34 8.11
CA PRO E 87 -40.76 -39.65 8.45
C PRO E 87 -39.75 -39.12 7.45
N GLY E 88 -40.14 -39.01 6.18
CA GLY E 88 -39.19 -38.56 5.17
C GLY E 88 -38.64 -37.18 5.45
N SER E 89 -39.43 -36.32 6.10
CA SER E 89 -38.98 -34.99 6.48
C SER E 89 -38.26 -34.98 7.82
N CYS E 90 -38.55 -35.94 8.70
CA CYS E 90 -37.82 -36.07 9.96
C CYS E 90 -36.46 -36.74 9.79
N LYS E 91 -36.21 -37.34 8.63
CA LYS E 91 -34.88 -37.85 8.31
C LYS E 91 -33.97 -36.77 7.74
N LEU E 92 -34.54 -35.74 7.12
CA LEU E 92 -33.76 -34.64 6.57
C LEU E 92 -33.64 -33.47 7.55
N PHE E 93 -34.78 -32.91 7.96
CA PHE E 93 -34.78 -31.71 8.79
C PHE E 93 -34.41 -31.99 10.24
N GLY E 94 -34.35 -33.26 10.65
CA GLY E 94 -33.90 -33.60 11.99
C GLY E 94 -32.39 -33.71 12.06
N PHE E 95 -31.79 -34.29 11.01
CA PHE E 95 -30.34 -34.41 10.95
C PHE E 95 -29.68 -33.04 10.87
N ILE E 96 -30.16 -32.19 9.96
CA ILE E 96 -29.63 -30.85 9.78
C ILE E 96 -29.89 -29.95 10.99
N PHE E 97 -30.73 -30.39 11.92
CA PHE E 97 -31.10 -29.60 13.09
C PHE E 97 -30.36 -30.03 14.35
N TYR E 98 -29.87 -31.27 14.42
CA TYR E 98 -29.02 -31.71 15.52
C TYR E 98 -27.54 -31.64 15.19
N THR E 99 -27.17 -31.82 13.92
CA THR E 99 -25.75 -31.85 13.56
C THR E 99 -25.18 -30.46 13.32
N ASN E 100 -26.04 -29.45 13.11
CA ASN E 100 -25.52 -28.12 12.82
C ASN E 100 -24.92 -27.46 14.07
N ILE E 101 -25.42 -27.80 15.26
CA ILE E 101 -24.81 -27.27 16.47
C ILE E 101 -23.38 -27.77 16.60
N TYR E 102 -23.16 -29.06 16.32
CA TYR E 102 -21.83 -29.64 16.41
C TYR E 102 -20.94 -29.30 15.22
N ILE E 103 -21.52 -28.85 14.11
CA ILE E 103 -20.70 -28.31 13.03
C ILE E 103 -20.29 -26.87 13.32
N SER E 104 -21.18 -26.08 13.92
CA SER E 104 -20.80 -24.74 14.37
C SER E 104 -19.73 -24.82 15.45
N ILE E 105 -19.84 -25.78 16.35
CA ILE E 105 -18.78 -26.01 17.34
C ILE E 105 -17.46 -26.24 16.62
N ALA E 106 -17.47 -27.14 15.63
CA ALA E 106 -16.23 -27.51 14.96
C ALA E 106 -15.62 -26.33 14.21
N PHE E 107 -16.45 -25.61 13.46
CA PHE E 107 -15.92 -24.49 12.68
C PHE E 107 -15.50 -23.33 13.57
N LEU E 108 -16.12 -23.18 14.74
CA LEU E 108 -15.67 -22.17 15.70
C LEU E 108 -14.27 -22.49 16.19
N CYS E 109 -13.97 -23.78 16.38
CA CYS E 109 -12.65 -24.16 16.87
C CYS E 109 -11.56 -23.92 15.84
N CYS E 110 -11.88 -24.08 14.55
CA CYS E 110 -10.89 -23.82 13.51
C CYS E 110 -10.44 -22.36 13.53
N ILE E 111 -11.38 -21.44 13.77
CA ILE E 111 -11.02 -20.03 13.84
C ILE E 111 -10.02 -19.78 14.97
N SER E 112 -10.24 -20.42 16.11
CA SER E 112 -9.35 -20.23 17.25
C SER E 112 -7.95 -20.75 16.94
N VAL E 113 -7.85 -21.94 16.34
CA VAL E 113 -6.54 -22.47 15.97
C VAL E 113 -5.85 -21.55 14.98
N ASP E 114 -6.60 -21.06 13.98
CA ASP E 114 -6.01 -20.16 12.99
C ASP E 114 -5.49 -18.89 13.65
N ARG E 115 -6.30 -18.29 14.53
CA ARG E 115 -5.88 -17.05 15.18
C ARG E 115 -4.66 -17.28 16.06
N TYR E 116 -4.61 -18.42 16.77
CA TYR E 116 -3.47 -18.68 17.64
C TYR E 116 -2.21 -18.93 16.82
N LEU E 117 -2.32 -19.69 15.73
CA LEU E 117 -1.16 -19.90 14.87
C LEU E 117 -0.67 -18.57 14.29
N ALA E 118 -1.59 -17.71 13.88
CA ALA E 118 -1.20 -16.43 13.28
C ALA E 118 -0.53 -15.52 14.31
N VAL E 119 -1.13 -15.41 15.50
CA VAL E 119 -0.66 -14.43 16.48
C VAL E 119 0.60 -14.93 17.17
N ALA E 120 0.53 -16.13 17.76
CA ALA E 120 1.63 -16.67 18.55
C ALA E 120 2.66 -17.41 17.72
N HIS E 121 2.46 -17.54 16.40
CA HIS E 121 3.45 -18.12 15.51
C HIS E 121 3.40 -17.37 14.18
N PRO E 122 3.72 -16.07 14.20
CA PRO E 122 3.54 -15.25 12.99
C PRO E 122 4.36 -15.72 11.80
N LEU E 123 5.57 -16.22 12.02
CA LEU E 123 6.51 -16.47 10.94
C LEU E 123 6.69 -17.94 10.62
N ARG E 124 6.01 -18.85 11.32
CA ARG E 124 6.29 -20.28 11.21
C ARG E 124 5.39 -20.99 10.21
N PHE E 125 4.07 -20.99 10.46
CA PHE E 125 3.14 -21.85 9.75
C PHE E 125 2.42 -21.06 8.66
N ALA E 126 3.15 -20.82 7.56
CA ALA E 126 2.51 -20.24 6.38
C ALA E 126 1.71 -21.29 5.62
N ARG E 127 2.24 -22.51 5.51
CA ARG E 127 1.59 -23.54 4.71
C ARG E 127 0.20 -23.86 5.25
N LEU E 128 0.05 -23.93 6.56
CA LEU E 128 -1.23 -24.21 7.20
C LEU E 128 -2.14 -22.99 7.23
N ARG E 129 -1.79 -21.90 6.55
CA ARG E 129 -2.52 -20.64 6.65
C ARG E 129 -2.82 -20.07 5.27
N ARG E 130 -3.17 -20.95 4.33
CA ARG E 130 -3.57 -20.58 2.99
C ARG E 130 -5.07 -20.79 2.81
N VAL E 131 -5.63 -20.19 1.77
CA VAL E 131 -7.06 -20.30 1.48
C VAL E 131 -7.33 -21.63 0.82
N LYS E 132 -6.28 -22.44 0.61
CA LYS E 132 -6.41 -23.77 0.05
C LYS E 132 -6.19 -24.87 1.07
N THR E 133 -5.70 -24.56 2.29
CA THR E 133 -5.63 -25.52 3.41
C THR E 133 -6.78 -25.22 4.29
N ALA E 134 -7.67 -24.36 3.85
CA ALA E 134 -8.88 -24.02 4.58
C ALA E 134 -10.05 -24.57 3.81
N VAL E 135 -9.84 -25.06 2.58
CA VAL E 135 -10.92 -25.72 1.81
C VAL E 135 -10.58 -27.19 1.83
N ALA E 136 -9.61 -27.59 2.60
CA ALA E 136 -9.28 -28.98 2.88
C ALA E 136 -9.83 -29.30 4.25
N VAL E 137 -9.66 -28.43 5.25
CA VAL E 137 -10.21 -28.58 6.59
C VAL E 137 -11.71 -28.31 6.63
N SER E 138 -12.18 -27.27 5.94
CA SER E 138 -13.60 -26.96 5.87
C SER E 138 -14.43 -28.07 5.24
N SER E 139 -13.80 -28.94 4.43
CA SER E 139 -14.48 -30.09 3.85
C SER E 139 -14.32 -31.36 4.66
N VAL E 140 -13.14 -31.61 5.24
CA VAL E 140 -12.95 -32.74 6.13
C VAL E 140 -13.73 -32.57 7.44
N VAL E 141 -14.21 -31.36 7.73
CA VAL E 141 -15.08 -31.14 8.87
C VAL E 141 -16.53 -31.41 8.47
N TRP E 142 -16.95 -30.85 7.33
CA TRP E 142 -18.31 -31.08 6.86
C TRP E 142 -18.59 -32.54 6.56
N ALA E 143 -17.57 -33.30 6.14
CA ALA E 143 -17.74 -34.74 5.94
C ALA E 143 -17.74 -35.51 7.25
N THR E 144 -16.80 -35.19 8.16
CA THR E 144 -16.70 -35.94 9.40
C THR E 144 -17.89 -35.71 10.30
N GLU E 145 -18.42 -34.48 10.35
CA GLU E 145 -19.60 -34.23 11.18
C GLU E 145 -20.84 -34.91 10.63
N LEU E 146 -21.03 -34.86 9.31
CA LEU E 146 -22.21 -35.46 8.69
C LEU E 146 -22.08 -36.97 8.53
N GLY E 147 -20.91 -37.54 8.80
CA GLY E 147 -20.77 -38.99 8.84
C GLY E 147 -20.80 -39.56 10.24
N ALA E 148 -20.11 -38.90 11.17
CA ALA E 148 -20.05 -39.40 12.55
C ALA E 148 -21.33 -39.14 13.32
N ASN E 149 -22.21 -38.27 12.80
CA ASN E 149 -23.52 -38.04 13.39
C ASN E 149 -24.65 -38.63 12.56
N SER E 150 -24.34 -39.62 11.72
CA SER E 150 -25.29 -40.17 10.77
C SER E 150 -26.07 -41.35 11.33
N ALA E 151 -25.76 -41.83 12.53
CA ALA E 151 -26.48 -42.96 13.09
C ALA E 151 -27.99 -42.75 13.09
N PRO E 152 -28.52 -41.57 13.42
CA PRO E 152 -29.99 -41.39 13.37
C PRO E 152 -30.60 -41.77 12.04
N LEU E 153 -29.88 -41.56 10.94
CA LEU E 153 -30.45 -41.86 9.63
C LEU E 153 -30.72 -43.35 9.44
N PHE E 154 -30.09 -44.22 10.24
CA PHE E 154 -30.30 -45.65 10.12
C PHE E 154 -31.43 -46.18 10.99
N HIS E 155 -32.01 -45.33 11.85
CA HIS E 155 -33.04 -45.75 12.79
C HIS E 155 -34.34 -45.00 12.51
N ASP E 156 -35.42 -45.52 13.08
CA ASP E 156 -36.72 -44.86 12.94
C ASP E 156 -36.71 -43.54 13.69
N GLU E 157 -37.26 -42.50 13.06
CA GLU E 157 -37.39 -41.20 13.69
C GLU E 157 -38.76 -41.00 14.32
N LEU E 158 -39.82 -41.36 13.59
CA LEU E 158 -41.17 -40.99 13.98
C LEU E 158 -41.72 -42.01 14.96
N PHE E 159 -41.57 -41.73 16.24
CA PHE E 159 -42.14 -42.53 17.32
C PHE E 159 -43.43 -41.89 17.81
N ARG E 160 -44.38 -42.73 18.22
CA ARG E 160 -45.70 -42.29 18.61
C ARG E 160 -46.05 -42.87 19.96
N ASP E 161 -46.35 -42.00 20.93
CA ASP E 161 -46.80 -42.40 22.25
C ASP E 161 -48.33 -42.41 22.30
N ARG E 162 -48.89 -42.51 23.50
CA ARG E 162 -50.32 -42.68 23.71
C ARG E 162 -51.06 -41.39 24.06
N TYR E 163 -50.37 -40.26 24.13
CA TYR E 163 -50.96 -39.01 24.60
C TYR E 163 -51.04 -37.99 23.47
N ASN E 164 -51.37 -38.47 22.26
CA ASN E 164 -51.52 -37.63 21.08
C ASN E 164 -50.19 -37.11 20.57
N HIS E 165 -49.09 -37.40 21.29
CA HIS E 165 -47.80 -36.85 20.93
C HIS E 165 -47.11 -37.73 19.90
N THR E 166 -46.97 -37.21 18.69
CA THR E 166 -46.05 -37.75 17.71
C THR E 166 -44.66 -37.15 18.00
N PHE E 167 -43.61 -37.72 17.40
CA PHE E 167 -42.27 -37.31 17.78
C PHE E 167 -41.38 -37.11 16.55
N CYS E 168 -40.13 -36.74 16.82
CA CYS E 168 -39.13 -36.58 15.76
C CYS E 168 -37.75 -36.63 16.42
N PHE E 169 -36.96 -37.65 16.08
CA PHE E 169 -35.59 -37.75 16.59
C PHE E 169 -35.56 -37.92 18.11
N GLU E 170 -36.72 -38.08 18.74
CA GLU E 170 -36.80 -38.10 20.20
C GLU E 170 -37.77 -39.18 20.65
N LYS E 171 -37.28 -40.07 21.50
CA LYS E 171 -38.11 -41.07 22.19
C LYS E 171 -37.65 -41.09 23.64
N PHE E 172 -38.42 -40.47 24.53
CA PHE E 172 -37.97 -40.33 25.91
C PHE E 172 -37.68 -41.67 26.58
N PRO E 173 -38.45 -42.76 26.34
CA PRO E 173 -37.96 -44.08 26.77
C PRO E 173 -36.76 -44.46 25.92
N MET E 174 -35.68 -43.74 26.17
CA MET E 174 -34.51 -43.70 25.32
C MET E 174 -33.88 -45.09 25.17
N GLU E 175 -32.94 -45.20 24.22
CA GLU E 175 -32.30 -46.46 23.87
C GLU E 175 -30.78 -46.28 23.83
N GLY E 176 -30.09 -47.41 23.76
CA GLY E 176 -28.64 -47.39 23.94
C GLY E 176 -27.89 -46.60 22.88
N TRP E 177 -28.32 -46.73 21.62
CA TRP E 177 -27.67 -45.98 20.55
C TRP E 177 -27.73 -44.49 20.85
N VAL E 178 -28.90 -44.01 21.28
CA VAL E 178 -29.04 -42.62 21.69
C VAL E 178 -28.10 -42.33 22.86
N ALA E 179 -27.90 -43.31 23.75
CA ALA E 179 -27.07 -43.07 24.93
C ALA E 179 -25.62 -42.80 24.54
N TRP E 180 -25.04 -43.70 23.74
CA TRP E 180 -23.64 -43.52 23.39
C TRP E 180 -23.46 -42.37 22.41
N MET E 181 -24.48 -42.10 21.58
CA MET E 181 -24.44 -40.91 20.73
C MET E 181 -24.42 -39.64 21.57
N ASN E 182 -25.27 -39.59 22.60
CA ASN E 182 -25.30 -38.41 23.47
C ASN E 182 -23.98 -38.24 24.20
N LEU E 183 -23.41 -39.33 24.69
CA LEU E 183 -22.13 -39.23 25.40
C LEU E 183 -21.03 -38.74 24.46
N TYR E 184 -20.98 -39.28 23.24
CA TYR E 184 -20.00 -38.83 22.26
C TYR E 184 -20.21 -37.36 21.92
N ARG E 185 -21.47 -36.94 21.77
CA ARG E 185 -21.77 -35.55 21.47
C ARG E 185 -21.33 -34.63 22.60
N VAL E 186 -21.56 -35.05 23.85
CA VAL E 186 -21.24 -34.20 24.99
C VAL E 186 -19.73 -34.05 25.14
N PHE E 187 -18.99 -35.17 25.08
CA PHE E 187 -17.55 -35.05 25.28
C PHE E 187 -16.82 -34.68 23.99
N VAL E 188 -16.90 -35.54 22.97
CA VAL E 188 -16.17 -35.27 21.74
C VAL E 188 -16.80 -34.10 21.00
N GLY E 189 -18.13 -34.03 20.98
CA GLY E 189 -18.80 -33.02 20.18
C GLY E 189 -18.60 -31.60 20.68
N PHE E 190 -18.64 -31.41 22.00
CA PHE E 190 -18.78 -30.08 22.57
C PHE E 190 -17.63 -29.68 23.50
N LEU E 191 -17.22 -30.56 24.41
CA LEU E 191 -16.27 -30.15 25.44
C LEU E 191 -14.84 -30.05 24.90
N PHE E 192 -14.43 -31.01 24.08
CA PHE E 192 -13.08 -30.98 23.53
C PHE E 192 -12.87 -29.77 22.62
N PRO E 193 -13.74 -29.48 21.66
CA PRO E 193 -13.58 -28.23 20.89
C PRO E 193 -13.60 -26.99 21.78
N TRP E 194 -14.43 -26.96 22.82
CA TRP E 194 -14.49 -25.80 23.69
C TRP E 194 -13.17 -25.60 24.42
N ALA E 195 -12.58 -26.68 24.94
CA ALA E 195 -11.28 -26.57 25.60
C ALA E 195 -10.20 -26.18 24.62
N LEU E 196 -10.27 -26.68 23.38
CA LEU E 196 -9.31 -26.24 22.37
C LEU E 196 -9.43 -24.74 22.13
N MET E 197 -10.67 -24.24 22.02
CA MET E 197 -10.88 -22.80 21.83
C MET E 197 -10.33 -22.01 23.00
N LEU E 198 -10.58 -22.48 24.23
CA LEU E 198 -10.08 -21.78 25.41
C LEU E 198 -8.56 -21.74 25.42
N LEU E 199 -7.92 -22.87 25.13
CA LEU E 199 -6.45 -22.91 25.10
C LEU E 199 -5.91 -21.99 24.02
N SER E 200 -6.54 -21.98 22.84
CA SER E 200 -6.04 -21.15 21.74
C SER E 200 -6.19 -19.67 22.07
N TYR E 201 -7.33 -19.27 22.64
CA TYR E 201 -7.50 -17.87 23.02
C TYR E 201 -6.55 -17.48 24.15
N ARG E 202 -6.26 -18.41 25.06
CA ARG E 202 -5.28 -18.14 26.10
C ARG E 202 -3.90 -17.91 25.49
N GLY E 203 -3.52 -18.74 24.51
CA GLY E 203 -2.27 -18.51 23.79
C GLY E 203 -2.25 -17.15 23.11
N ILE E 204 -3.37 -16.80 22.47
CA ILE E 204 -3.46 -15.50 21.80
C ILE E 204 -3.26 -14.37 22.80
N LEU E 205 -3.89 -14.48 23.97
CA LEU E 205 -3.81 -13.40 24.95
C LEU E 205 -2.42 -13.30 25.54
N ARG E 206 -1.76 -14.43 25.82
CA ARG E 206 -0.40 -14.35 26.32
C ARG E 206 0.55 -13.79 25.27
N ALA E 207 0.32 -14.10 23.99
CA ALA E 207 1.10 -13.47 22.93
C ALA E 207 0.86 -11.97 22.87
N VAL E 208 -0.40 -11.55 23.01
CA VAL E 208 -0.74 -10.13 22.99
C VAL E 208 -0.04 -9.40 24.14
N ARG E 209 -0.03 -10.03 25.32
CA ARG E 209 0.56 -9.41 26.49
C ARG E 209 2.02 -9.03 26.28
N GLY E 210 2.73 -9.75 25.39
CA GLY E 210 4.11 -9.44 25.07
C GLY E 210 4.30 -8.42 23.98
N SER E 211 3.24 -7.94 23.35
CA SER E 211 3.37 -6.98 22.27
C SER E 211 3.83 -5.63 22.82
N VAL E 212 4.96 -5.13 22.29
CA VAL E 212 5.44 -3.80 22.67
C VAL E 212 4.69 -2.68 21.96
N SER E 213 3.98 -2.99 20.87
CA SER E 213 3.29 -2.00 20.06
C SER E 213 1.80 -1.92 20.34
N THR E 214 1.32 -2.67 21.34
CA THR E 214 -0.11 -2.69 21.68
C THR E 214 -0.30 -2.01 23.04
N GLU E 215 -1.29 -1.13 23.11
CA GLU E 215 -1.55 -0.38 24.33
C GLU E 215 -2.44 -1.20 25.28
N ARG E 216 -2.53 -0.72 26.52
CA ARG E 216 -3.33 -1.43 27.52
C ARG E 216 -4.78 -1.52 27.10
N GLN E 217 -5.32 -0.44 26.53
CA GLN E 217 -6.72 -0.45 26.09
C GLN E 217 -6.96 -1.55 25.07
N GLU E 218 -6.09 -1.66 24.07
CA GLU E 218 -6.25 -2.68 23.05
C GLU E 218 -6.08 -4.08 23.63
N LYS E 219 -5.09 -4.27 24.51
CA LYS E 219 -4.89 -5.56 25.14
C LYS E 219 -6.13 -6.01 25.89
N ALA E 220 -6.72 -5.11 26.70
CA ALA E 220 -7.93 -5.43 27.43
C ALA E 220 -9.15 -5.60 26.53
N LYS E 221 -9.21 -4.86 25.42
CA LYS E 221 -10.30 -5.09 24.47
C LYS E 221 -10.23 -6.49 23.87
N ILE E 222 -9.02 -6.93 23.50
CA ILE E 222 -8.85 -8.30 23.03
C ILE E 222 -9.25 -9.29 24.12
N LYS E 223 -8.86 -9.00 25.36
CA LYS E 223 -9.22 -9.89 26.47
C LYS E 223 -10.73 -10.02 26.58
N ARG E 224 -11.44 -8.89 26.54
CA ARG E 224 -12.89 -8.92 26.66
C ARG E 224 -13.52 -9.67 25.50
N LEU E 225 -13.04 -9.42 24.28
CA LEU E 225 -13.59 -10.11 23.12
C LEU E 225 -13.41 -11.62 23.24
N ALA E 226 -12.21 -12.06 23.62
CA ALA E 226 -11.96 -13.49 23.75
C ALA E 226 -12.81 -14.10 24.86
N LEU E 227 -12.92 -13.41 25.99
CA LEU E 227 -13.73 -13.94 27.09
C LEU E 227 -15.18 -14.06 26.68
N SER E 228 -15.72 -13.05 25.99
CA SER E 228 -17.11 -13.14 25.52
C SER E 228 -17.28 -14.29 24.54
N LEU E 229 -16.33 -14.45 23.60
CA LEU E 229 -16.45 -15.53 22.63
C LEU E 229 -16.43 -16.89 23.32
N ILE E 230 -15.59 -17.07 24.33
CA ILE E 230 -15.53 -18.35 25.02
C ILE E 230 -16.78 -18.58 25.85
N ALA E 231 -17.26 -17.53 26.54
CA ALA E 231 -18.36 -17.71 27.48
C ALA E 231 -19.71 -17.85 26.80
N ILE E 232 -19.89 -17.24 25.62
CA ILE E 232 -21.19 -17.33 24.96
C ILE E 232 -21.48 -18.76 24.54
N VAL E 233 -20.47 -19.46 24.02
CA VAL E 233 -20.65 -20.86 23.64
C VAL E 233 -21.14 -21.66 24.85
N LEU E 234 -20.48 -21.46 25.99
CA LEU E 234 -20.86 -22.20 27.20
C LEU E 234 -22.28 -21.88 27.61
N VAL E 235 -22.60 -20.58 27.74
CA VAL E 235 -23.95 -20.18 28.14
C VAL E 235 -24.99 -20.81 27.23
N CYS E 236 -24.71 -20.84 25.92
CA CYS E 236 -25.71 -21.32 24.98
C CYS E 236 -25.86 -22.84 25.04
N PHE E 237 -24.77 -23.58 25.18
CA PHE E 237 -24.80 -25.03 24.98
C PHE E 237 -24.77 -25.85 26.26
N ALA E 238 -23.98 -25.45 27.26
CA ALA E 238 -23.88 -26.26 28.48
C ALA E 238 -25.22 -26.56 29.13
N PRO E 239 -26.18 -25.64 29.19
CA PRO E 239 -27.48 -25.98 29.79
C PRO E 239 -28.12 -27.21 29.18
N TYR E 240 -27.91 -27.44 27.88
CA TYR E 240 -28.49 -28.59 27.21
C TYR E 240 -27.60 -29.83 27.31
N HIS E 241 -26.28 -29.66 27.20
CA HIS E 241 -25.40 -30.81 27.28
C HIS E 241 -25.40 -31.42 28.68
N VAL E 242 -25.54 -30.60 29.71
CA VAL E 242 -25.66 -31.11 31.07
C VAL E 242 -26.91 -31.98 31.20
N LEU E 243 -28.03 -31.51 30.65
CA LEU E 243 -29.26 -32.28 30.70
C LEU E 243 -29.11 -33.59 29.93
N LEU E 244 -28.47 -33.54 28.76
CA LEU E 244 -28.26 -34.77 27.99
C LEU E 244 -27.42 -35.76 28.77
N LEU E 245 -26.34 -35.29 29.41
CA LEU E 245 -25.48 -36.18 30.19
C LEU E 245 -26.25 -36.76 31.37
N SER E 246 -27.08 -35.94 32.03
CA SER E 246 -27.88 -36.45 33.13
C SER E 246 -28.86 -37.51 32.66
N ARG E 247 -29.50 -37.29 31.51
CA ARG E 247 -30.42 -38.29 30.96
C ARG E 247 -29.67 -39.59 30.66
N SER E 248 -28.49 -39.48 30.06
CA SER E 248 -27.74 -40.69 29.72
C SER E 248 -27.33 -41.45 30.97
N ALA E 249 -26.87 -40.74 32.00
CA ALA E 249 -26.49 -41.40 33.24
C ALA E 249 -27.69 -42.06 33.90
N ILE E 250 -28.83 -41.36 33.92
CA ILE E 250 -30.04 -41.92 34.53
C ILE E 250 -30.47 -43.17 33.78
N TYR E 251 -30.35 -43.17 32.45
CA TYR E 251 -30.78 -44.32 31.68
C TYR E 251 -29.81 -45.49 31.79
N LEU E 252 -28.51 -45.20 31.94
CA LEU E 252 -27.54 -46.28 32.12
C LEU E 252 -27.61 -46.88 33.51
N GLY E 253 -27.96 -46.08 34.52
CA GLY E 253 -28.11 -46.59 35.87
C GLY E 253 -29.55 -46.96 36.19
N ARG E 254 -30.48 -46.30 35.50
CA ARG E 254 -31.91 -46.53 35.66
C ARG E 254 -32.42 -46.29 37.09
N PRO E 255 -32.06 -45.18 37.74
CA PRO E 255 -32.84 -44.74 38.91
C PRO E 255 -34.06 -43.96 38.47
N TRP E 256 -35.24 -44.58 38.64
CA TRP E 256 -36.50 -44.00 38.17
C TRP E 256 -36.42 -43.70 36.67
N ASP E 257 -36.32 -44.78 35.88
CA ASP E 257 -36.19 -44.64 34.44
C ASP E 257 -37.34 -43.81 33.86
N CYS E 258 -38.52 -43.86 34.48
CA CYS E 258 -39.65 -43.06 34.04
C CYS E 258 -39.73 -41.72 34.76
N GLY E 259 -39.77 -41.76 36.10
CA GLY E 259 -39.92 -40.56 36.91
C GLY E 259 -39.08 -39.38 36.47
N PHE E 260 -37.77 -39.59 36.39
CA PHE E 260 -36.87 -38.55 35.90
C PHE E 260 -37.34 -37.98 34.58
N GLU E 261 -37.73 -38.86 33.65
CA GLU E 261 -38.13 -38.41 32.32
C GLU E 261 -39.37 -37.53 32.37
N GLU E 262 -40.23 -37.71 33.37
CA GLU E 262 -41.45 -36.92 33.48
C GLU E 262 -41.12 -35.44 33.73
N ARG E 263 -40.10 -35.18 34.54
CA ARG E 263 -39.80 -33.83 35.00
C ARG E 263 -38.72 -33.15 34.16
N VAL E 264 -38.32 -33.73 33.03
CA VAL E 264 -37.26 -33.16 32.21
C VAL E 264 -37.70 -33.06 30.75
N PHE E 265 -39.01 -33.20 30.51
CA PHE E 265 -39.53 -32.91 29.18
C PHE E 265 -39.35 -31.44 28.84
N SER E 266 -39.97 -30.56 29.64
CA SER E 266 -39.91 -29.13 29.37
C SER E 266 -38.48 -28.62 29.50
N ALA E 267 -37.73 -29.10 30.49
CA ALA E 267 -36.35 -28.67 30.64
C ALA E 267 -35.53 -29.04 29.41
N TYR E 268 -35.68 -30.27 28.93
CA TYR E 268 -34.93 -30.70 27.75
C TYR E 268 -35.32 -29.86 26.53
N HIS E 269 -36.61 -29.64 26.32
CA HIS E 269 -37.05 -28.94 25.13
C HIS E 269 -36.76 -27.44 25.20
N SER E 270 -36.60 -26.89 26.40
CA SER E 270 -36.21 -25.49 26.55
C SER E 270 -34.70 -25.30 26.53
N SER E 271 -33.93 -26.34 26.83
CA SER E 271 -32.48 -26.27 26.73
C SER E 271 -31.98 -26.47 25.31
N LEU E 272 -32.65 -27.31 24.52
CA LEU E 272 -32.31 -27.45 23.11
C LEU E 272 -32.67 -26.22 22.30
N ALA E 273 -33.50 -25.33 22.85
CA ALA E 273 -33.83 -24.07 22.18
C ALA E 273 -32.87 -22.95 22.52
N PHE E 274 -32.33 -22.92 23.75
CA PHE E 274 -31.25 -22.00 24.06
C PHE E 274 -30.05 -22.20 23.14
N THR E 275 -29.84 -23.44 22.69
CA THR E 275 -28.71 -23.73 21.81
C THR E 275 -28.76 -22.88 20.55
N SER E 276 -29.96 -22.69 20.00
CA SER E 276 -30.11 -21.90 18.78
C SER E 276 -29.59 -20.48 18.96
N LEU E 277 -29.49 -19.99 20.21
CA LEU E 277 -28.97 -18.66 20.43
C LEU E 277 -27.54 -18.50 19.93
N ASN E 278 -26.81 -19.60 19.73
CA ASN E 278 -25.47 -19.49 19.18
C ASN E 278 -25.48 -19.04 17.72
N CYS E 279 -26.64 -19.05 17.06
CA CYS E 279 -26.73 -18.60 15.68
C CYS E 279 -26.88 -17.09 15.54
N VAL E 280 -27.20 -16.39 16.63
CA VAL E 280 -27.34 -14.93 16.60
C VAL E 280 -26.09 -14.29 17.18
N ALA E 281 -25.46 -14.98 18.14
CA ALA E 281 -24.24 -14.45 18.74
C ALA E 281 -23.06 -14.56 17.78
N ASP E 282 -23.03 -15.62 16.99
CA ASP E 282 -21.91 -15.81 16.05
C ASP E 282 -21.81 -14.68 15.03
N PRO E 283 -22.86 -14.33 14.29
CA PRO E 283 -22.73 -13.25 13.30
C PRO E 283 -22.38 -11.90 13.91
N ILE E 284 -22.73 -11.67 15.18
CA ILE E 284 -22.41 -10.39 15.81
C ILE E 284 -20.97 -10.38 16.29
N LEU E 285 -20.59 -11.38 17.09
CA LEU E 285 -19.27 -11.39 17.70
C LEU E 285 -18.16 -11.47 16.66
N TYR E 286 -18.43 -12.14 15.53
CA TYR E 286 -17.39 -12.37 14.52
C TYR E 286 -17.41 -11.36 13.38
N CYS E 287 -18.55 -10.73 13.10
CA CYS E 287 -18.65 -9.76 12.02
C CYS E 287 -19.01 -8.36 12.50
N LEU E 288 -20.09 -8.21 13.26
CA LEU E 288 -20.57 -6.88 13.59
C LEU E 288 -19.72 -6.20 14.65
N VAL E 289 -19.21 -6.97 15.62
CA VAL E 289 -18.39 -6.38 16.68
C VAL E 289 -17.18 -5.66 16.07
N ASN E 290 -16.48 -6.34 15.16
CA ASN E 290 -15.29 -5.76 14.56
C ASN E 290 -15.65 -4.52 13.74
N GLU E 291 -14.78 -3.52 13.79
CA GLU E 291 -15.04 -2.27 13.07
C GLU E 291 -14.84 -2.47 11.56
N GLY E 292 -13.84 -3.26 11.16
CA GLY E 292 -13.61 -3.46 9.74
C GLY E 292 -14.74 -4.22 9.06
N ALA E 293 -15.13 -5.35 9.65
CA ALA E 293 -16.25 -6.11 9.10
C ALA E 293 -17.55 -5.32 9.18
N ARG E 294 -17.72 -4.52 10.24
CA ARG E 294 -18.90 -3.66 10.33
C ARG E 294 -18.92 -2.63 9.22
N SER E 295 -17.76 -2.05 8.90
CA SER E 295 -17.68 -1.10 7.79
C SER E 295 -17.97 -1.79 6.47
N ASP E 296 -17.50 -3.03 6.30
CA ASP E 296 -17.83 -3.77 5.10
C ASP E 296 -19.33 -4.03 4.99
N VAL E 297 -19.96 -4.39 6.11
CA VAL E 297 -21.41 -4.59 6.13
C VAL E 297 -22.12 -3.29 5.78
N ALA E 298 -21.63 -2.16 6.29
CA ALA E 298 -22.24 -0.88 6.00
C ALA E 298 -22.07 -0.48 4.55
N LYS E 299 -20.92 -0.82 3.94
CA LYS E 299 -20.76 -0.61 2.51
C LYS E 299 -21.74 -1.46 1.72
N ALA E 300 -21.96 -2.71 2.15
CA ALA E 300 -22.95 -3.55 1.50
C ALA E 300 -24.34 -2.93 1.61
N LEU E 301 -24.68 -2.41 2.79
CA LEU E 301 -25.98 -1.78 2.98
C LEU E 301 -26.12 -0.52 2.11
N HIS E 302 -25.04 0.25 2.00
CA HIS E 302 -25.06 1.44 1.15
C HIS E 302 -25.30 1.04 -0.31
N ASN E 303 -24.64 -0.02 -0.78
CA ASN E 303 -24.88 -0.50 -2.14
C ASN E 303 -26.31 -0.98 -2.31
N LEU E 304 -26.83 -1.72 -1.32
CA LEU E 304 -28.20 -2.24 -1.39
C LEU E 304 -29.21 -1.11 -1.47
N LEU E 305 -29.00 -0.05 -0.67
CA LEU E 305 -29.97 1.04 -0.60
C LEU E 305 -30.15 1.74 -1.94
N ARG E 306 -29.18 1.63 -2.84
CA ARG E 306 -29.23 2.32 -4.13
C ARG E 306 -29.40 1.37 -5.31
N PHE E 307 -29.73 0.10 -5.05
CA PHE E 307 -29.99 -0.84 -6.13
C PHE E 307 -31.42 -0.69 -6.64
C13 A1L35 F . -12.58 -31.27 15.65
C17 A1L35 F . -14.66 -33.54 15.22
C01 A1L35 F . -4.50 -25.48 11.29
C02 A1L35 F . -6.01 -25.25 11.28
C05 A1L35 F . -7.46 -26.48 12.65
C06 A1L35 F . -8.47 -27.62 12.60
C07 A1L35 F . -9.10 -27.91 13.96
C14 A1L35 F . -14.12 -31.25 15.66
C16 A1L35 F . -14.02 -32.86 17.42
C18 A1L35 F . -16.09 -32.17 16.53
N15 A1L35 F . -14.70 -32.46 16.20
O03 A1L35 F . -6.43 -24.15 11.18
O04 A1L35 F . -6.88 -26.34 11.38
O08 A1L35 F . -10.28 -28.65 13.76
O10 A1L35 F . -10.03 -29.74 16.08
O11 A1L35 F . -9.77 -31.15 14.08
O12 A1L35 F . -12.14 -30.35 14.71
O19 A1L35 F . -7.80 -28.77 12.16
P09 A1L35 F . -10.53 -29.99 14.67
H1 A1L35 F . -12.22 -32.25 15.40
H2 A1L35 F . -12.22 -30.99 16.64
H3 A1L35 F . -15.09 -33.20 14.29
H4 A1L35 F . -13.63 -33.84 15.06
H5 A1L35 F . -15.23 -34.38 15.60
H6 A1L35 F . -4.13 -25.42 12.31
H7 A1L35 F . -4.01 -24.73 10.68
H8 A1L35 F . -4.28 -26.46 10.88
H9 A1L35 F . -6.69 -26.72 13.38
H10 A1L35 F . -7.95 -25.56 12.92
H11 A1L35 F . -9.25 -27.37 11.89
H12 A1L35 F . -8.40 -28.50 14.56
H13 A1L35 F . -9.33 -26.98 14.46
H14 A1L35 F . -14.45 -30.40 16.25
H15 A1L35 F . -14.46 -31.11 14.63
H16 A1L35 F . -13.11 -33.41 17.17
H17 A1L35 F . -13.76 -31.99 18.00
H18 A1L35 F . -14.68 -33.50 18.01
H19 A1L35 F . -16.64 -33.10 16.66
H20 A1L35 F . -16.54 -31.59 15.73
H21 A1L35 F . -16.13 -31.61 17.46
H23 A1L35 F . -8.33 -29.21 11.51
C13 A1L35 G . -1.88 -24.32 22.89
C17 A1L35 G . -1.67 -23.92 25.94
C01 A1L35 G . -6.55 -29.69 16.48
C02 A1L35 G . -5.32 -30.39 17.06
C05 A1L35 G . -3.89 -28.77 17.95
C06 A1L35 G . -3.82 -27.93 19.22
C07 A1L35 G . -4.24 -26.49 19.00
C14 A1L35 G . -2.21 -23.11 23.75
C16 A1L35 G . 0.06 -23.13 24.51
C18 A1L35 G . -1.51 -21.62 25.43
N15 A1L35 G . -1.33 -22.96 24.90
O03 A1L35 G . -4.91 -31.38 16.54
O04 A1L35 G . -4.69 -29.89 18.20
O08 A1L35 G . -4.40 -25.86 20.23
O10 A1L35 G . -1.99 -24.97 19.99
O11 A1L35 G . -3.82 -23.36 20.35
O12 A1L35 G . -3.07 -24.81 22.33
O19 A1L35 G . -2.48 -27.94 19.67
P09 A1L35 G . -3.30 -24.73 20.70
H1 A1L35 G . -1.42 -25.11 23.47
H2 A1L35 G . -1.20 -24.02 22.08
H3 A1L35 G . -2.73 -23.82 26.19
H4 A1L35 G . -1.48 -24.93 25.60
H5 A1L35 G . -1.08 -23.72 26.83
H6 A1L35 G . -7.45 -30.16 16.85
H7 A1L35 G . -6.52 -29.73 15.40
H8 A1L35 G . -6.54 -28.64 16.80
H9 A1L35 G . -2.89 -29.10 17.67
H10 A1L35 G . -4.32 -28.18 17.15
H11 A1L35 G . -4.45 -28.38 19.99
H12 A1L35 G . -3.47 -25.98 18.42
H13 A1L35 G . -5.18 -26.46 18.46
H14 A1L35 G . -2.15 -22.22 23.14
H15 A1L35 G . -3.24 -23.21 24.10
H16 A1L35 G . 0.33 -24.17 24.50
H17 A1L35 G . 0.20 -22.70 23.52
H18 A1L35 G . 0.69 -22.59 25.22
H19 A1L35 G . -0.98 -21.53 26.37
H20 A1L35 G . -2.57 -21.43 25.59
H21 A1L35 G . -1.12 -20.90 24.72
H23 A1L35 G . -2.44 -28.31 20.53
C1 CLR H . -23.55 -26.77 1.08
C2 CLR H . -24.71 -27.53 1.73
C3 CLR H . -24.39 -29.00 1.89
C4 CLR H . -23.11 -29.17 2.69
C5 CLR H . -21.97 -28.40 2.10
C6 CLR H . -20.81 -28.98 1.83
C7 CLR H . -19.53 -28.26 1.55
C8 CLR H . -19.69 -26.74 1.61
C9 CLR H . -21.05 -26.37 0.98
C10 CLR H . -22.21 -26.92 1.84
C11 CLR H . -21.18 -24.87 0.64
C12 CLR H . -19.96 -24.31 -0.10
C13 CLR H . -18.70 -24.53 0.74
C14 CLR H . -18.55 -26.05 0.88
C15 CLR H . -17.14 -26.25 1.39
C16 CLR H . -16.34 -25.21 0.58
C17 CLR H . -17.33 -24.11 0.13
C18 CLR H . -18.89 -23.83 2.10
C19 CLR H . -22.31 -26.21 3.20
C20 CLR H . -16.79 -22.70 0.41
C21 CLR H . -17.64 -21.60 -0.22
C22 CLR H . -15.33 -22.58 -0.05
C23 CLR H . -14.59 -21.39 0.51
C24 CLR H . -13.17 -21.27 0.00
C25 CLR H . -13.04 -20.90 -1.48
C26 CLR H . -13.95 -19.74 -1.85
C27 CLR H . -13.30 -22.09 -2.39
O1 CLR H . -25.48 -29.66 2.56
C1 CLR I . -16.47 -8.10 30.75
C2 CLR I . -15.12 -7.49 31.14
C3 CLR I . -14.27 -8.46 31.93
C4 CLR I . -14.09 -9.73 31.13
C5 CLR I . -15.43 -10.35 30.79
C6 CLR I . -15.73 -11.57 31.18
C7 CLR I . -16.93 -12.34 30.74
C8 CLR I . -17.78 -11.61 29.72
C9 CLR I . -17.80 -10.10 29.99
C10 CLR I . -16.39 -9.46 30.01
C11 CLR I . -18.76 -9.38 29.03
C12 CLR I . -20.18 -9.97 29.06
C13 CLR I . -20.19 -11.48 28.79
C14 CLR I . -19.20 -12.12 29.78
C15 CLR I . -19.45 -13.62 29.64
C16 CLR I . -20.97 -13.71 29.39
C17 CLR I . -21.48 -12.27 29.16
C18 CLR I . -19.80 -11.76 27.33
C19 CLR I . -15.82 -9.25 28.59
C20 CLR I . -22.70 -12.23 28.24
C21 CLR I . -23.37 -10.86 28.19
C22 CLR I . -23.70 -13.31 28.65
C23 CLR I . -24.80 -13.57 27.65
C24 CLR I . -25.82 -14.56 28.15
C25 CLR I . -26.92 -14.95 27.17
C26 CLR I . -26.37 -15.79 26.03
C27 CLR I . -28.06 -15.67 27.86
O1 CLR I . -12.98 -7.88 32.19
#